data_2DQM
#
_entry.id   2DQM
#
_cell.length_a   120.417
_cell.length_b   120.417
_cell.length_c   170.859
_cell.angle_alpha   90.00
_cell.angle_beta   90.00
_cell.angle_gamma   120.00
#
_symmetry.space_group_name_H-M   'P 31 2 1'
#
loop_
_entity.id
_entity.type
_entity.pdbx_description
1 polymer 'Aminopeptidase N'
2 non-polymer 'ZINC ION'
3 non-polymer 'SULFATE ION'
4 non-polymer '2-(3-AMINO-2-HYDROXY-4-PHENYL-BUTYRYLAMINO)-4-METHYL-PENTANOIC ACID'
5 water water
#
_entity_poly.entity_id   1
_entity_poly.type   'polypeptide(L)'
_entity_poly.pdbx_seq_one_letter_code
;MTQQPQAKYRHDYRAPDYQITDIDLTFDLDAQKTVVTAVSQAVRHGASDAPLRLNGEDLKLVSVHINDEPWTAWKEEEGA
LVISNLPERFTLKIINEISPAANTALEGLYQSGDALCTQCEAEGFRHITYYLDRPDVLARFTTKIIADKIKYPFLLSNGN
RVAQGELENGRHWVQWQDPFPKPCYLFALVAGDFDVLRDTFTTRSGREVALELYVDRGNLDRAPWAMTSLKNSMKWDEER
FGLEYDLDIYMIVAVDFFNMGAMENKGLNIFNSKYVLARTDTATDKDYLDIERVIGHEYFHNWTGNRVTCRDWFQLSLKE
GLTVFRDQEFSSDLGSRAVNRINNVRTMRGLQFAEDASPMAHPIRPDMVIEMNNFYTLTVYEKGAEVIRMIHTLLGEENF
QKGMQLYFERHDGSAATCDDFVQAMEDASNVDLSHFRRWYSQSGTPIVTVKDDYNPETEQYTLTISQRTPATPDQAEKQP
LHIPFAIELYDNEGKVIPLQKGGHPVNSVLNVTQAEQTFVFDNVYFQPVPALLCEFSAPVKLEYKWSDQQLTFLMRHARN
DFSRWDAAQSLLATYIKLNVARHQQGQPLSLPVHVADAFRAVLLDEKIDPALAAEILTLPSVNEMAELFDIIDPIAIAEV
REALTRTLATELADELLAIYNANYQSEYRVEHEDIAKRTLRNACLRFLAFGETHLADVLVSKQFHEANNMTDALAALSAA
VAAQLPCRDALMQEYDDKWHQNGLVMDKWFILQATSPAANVLETVRGLLQHRSFTMSNPNRIRSLIGAFAGSNPAAFHAE
DGSGYLFLVEMLTDLNSRNPQVASRLIEPLIRLKRYDAKRQEKMRAALEQLKGLENLSGDLYEKITKALA
;
_entity_poly.pdbx_strand_id   A
#
loop_
_chem_comp.id
_chem_comp.type
_chem_comp.name
_chem_comp.formula
BES non-polymer '2-(3-AMINO-2-HYDROXY-4-PHENYL-BUTYRYLAMINO)-4-METHYL-PENTANOIC ACID' 'C16 H24 N2 O4'
SO4 non-polymer 'SULFATE ION' 'O4 S -2'
ZN non-polymer 'ZINC ION' 'Zn 2'
#
# COMPACT_ATOMS: atom_id res chain seq x y z
N GLN A 4 -15.93 -6.79 -23.94
CA GLN A 4 -14.89 -6.70 -22.88
C GLN A 4 -13.73 -7.66 -23.16
N PRO A 5 -12.52 -7.30 -22.71
CA PRO A 5 -11.36 -8.18 -22.94
C PRO A 5 -11.49 -9.47 -22.14
N GLN A 6 -10.90 -10.54 -22.67
CA GLN A 6 -10.96 -11.83 -22.00
C GLN A 6 -9.92 -11.88 -20.90
N ALA A 7 -10.11 -12.81 -19.97
CA ALA A 7 -9.17 -12.98 -18.88
C ALA A 7 -7.93 -13.70 -19.39
N LYS A 8 -6.80 -13.42 -18.75
CA LYS A 8 -5.54 -14.06 -19.11
C LYS A 8 -5.17 -14.95 -17.92
N TYR A 9 -4.57 -16.10 -18.21
CA TYR A 9 -4.20 -17.04 -17.15
C TYR A 9 -2.71 -17.31 -17.03
N ARG A 10 -2.26 -17.42 -15.78
CA ARG A 10 -0.86 -17.66 -15.48
C ARG A 10 -0.34 -18.94 -16.14
N HIS A 11 -1.18 -19.97 -16.20
CA HIS A 11 -0.75 -21.23 -16.79
C HIS A 11 -0.54 -21.16 -18.30
N ASP A 12 -0.91 -20.04 -18.91
CA ASP A 12 -0.72 -19.90 -20.35
C ASP A 12 0.57 -19.18 -20.72
N TYR A 13 1.43 -18.92 -19.74
CA TYR A 13 2.69 -18.23 -20.04
C TYR A 13 3.49 -18.96 -21.11
N ARG A 14 4.02 -18.19 -22.07
CA ARG A 14 4.84 -18.72 -23.14
C ARG A 14 5.93 -17.70 -23.46
N ALA A 15 7.16 -18.17 -23.61
CA ALA A 15 8.28 -17.28 -23.92
C ALA A 15 7.96 -16.52 -25.21
N PRO A 16 8.45 -15.27 -25.31
CA PRO A 16 8.17 -14.46 -26.51
C PRO A 16 8.81 -14.99 -27.80
N ASP A 17 8.09 -14.87 -28.91
CA ASP A 17 8.61 -15.31 -30.20
C ASP A 17 9.72 -14.38 -30.67
N TYR A 18 9.69 -13.14 -30.19
CA TYR A 18 10.71 -12.15 -30.53
C TYR A 18 11.17 -11.39 -29.31
N GLN A 19 12.43 -10.99 -29.33
CA GLN A 19 13.01 -10.18 -28.26
C GLN A 19 13.47 -8.90 -28.93
N ILE A 20 13.50 -7.80 -28.17
CA ILE A 20 14.01 -6.54 -28.67
C ILE A 20 15.14 -6.25 -27.70
N THR A 21 16.36 -6.19 -28.24
CA THR A 21 17.55 -5.99 -27.43
C THR A 21 17.93 -4.53 -27.18
N ASP A 22 17.56 -3.67 -28.11
CA ASP A 22 17.91 -2.26 -28.03
C ASP A 22 16.80 -1.43 -28.68
N ILE A 23 16.49 -0.29 -28.09
CA ILE A 23 15.49 0.59 -28.67
C ILE A 23 15.94 2.03 -28.56
N ASP A 24 15.88 2.74 -29.69
CA ASP A 24 16.25 4.14 -29.75
C ASP A 24 14.95 4.91 -29.97
N LEU A 25 14.59 5.72 -28.98
CA LEU A 25 13.36 6.50 -29.04
C LEU A 25 13.62 7.98 -29.29
N THR A 26 12.73 8.59 -30.05
CA THR A 26 12.80 10.02 -30.29
C THR A 26 11.40 10.59 -30.10
N PHE A 27 11.29 11.60 -29.25
CA PHE A 27 10.01 12.22 -28.99
C PHE A 27 10.01 13.66 -29.45
N ASP A 28 9.10 13.99 -30.36
CA ASP A 28 8.98 15.38 -30.79
C ASP A 28 7.79 15.76 -29.92
N LEU A 29 8.10 16.30 -28.74
CA LEU A 29 7.10 16.66 -27.74
C LEU A 29 6.23 17.87 -27.96
N ASP A 30 4.95 17.69 -27.65
CA ASP A 30 3.93 18.72 -27.72
C ASP A 30 2.70 18.14 -27.03
N ALA A 31 2.08 18.94 -26.17
CA ALA A 31 0.90 18.48 -25.42
C ALA A 31 -0.25 17.99 -26.29
N GLN A 32 -0.47 18.64 -27.43
CA GLN A 32 -1.56 18.25 -28.32
C GLN A 32 -1.19 17.11 -29.26
N LYS A 33 0.02 17.15 -29.82
CA LYS A 33 0.46 16.11 -30.73
C LYS A 33 1.94 15.79 -30.57
N THR A 34 2.22 14.63 -30.01
CA THR A 34 3.60 14.18 -29.83
C THR A 34 3.88 13.12 -30.88
N VAL A 35 5.01 13.26 -31.56
CA VAL A 35 5.39 12.28 -32.58
C VAL A 35 6.48 11.41 -32.00
N VAL A 36 6.25 10.11 -32.01
CA VAL A 36 7.20 9.15 -31.47
C VAL A 36 7.83 8.33 -32.59
N THR A 37 9.16 8.28 -32.60
CA THR A 37 9.89 7.47 -33.58
C THR A 37 10.66 6.45 -32.76
N ALA A 38 10.38 5.18 -32.98
CA ALA A 38 11.03 4.12 -32.23
C ALA A 38 11.77 3.14 -33.15
N VAL A 39 13.08 3.05 -32.95
CA VAL A 39 13.91 2.15 -33.74
C VAL A 39 14.36 1.02 -32.83
N SER A 40 13.84 -0.18 -33.08
CA SER A 40 14.16 -1.34 -32.25
C SER A 40 14.97 -2.40 -32.98
N GLN A 41 15.91 -3.02 -32.28
CA GLN A 41 16.71 -4.09 -32.85
C GLN A 41 16.05 -5.36 -32.34
N ALA A 42 15.43 -6.11 -33.25
CA ALA A 42 14.71 -7.33 -32.90
C ALA A 42 15.43 -8.62 -33.28
N VAL A 43 15.16 -9.67 -32.50
CA VAL A 43 15.75 -10.98 -32.73
C VAL A 43 14.67 -12.04 -32.52
N ARG A 44 14.46 -12.89 -33.52
CA ARG A 44 13.44 -13.94 -33.40
C ARG A 44 13.98 -15.13 -32.60
N HIS A 45 13.16 -15.61 -31.68
CA HIS A 45 13.50 -16.76 -30.85
C HIS A 45 12.57 -17.93 -31.14
N GLY A 46 11.36 -17.62 -31.61
CA GLY A 46 10.38 -18.66 -31.90
C GLY A 46 10.45 -19.23 -33.31
N ALA A 47 9.35 -19.83 -33.75
CA ALA A 47 9.28 -20.43 -35.08
C ALA A 47 9.55 -19.40 -36.16
N SER A 48 10.25 -19.81 -37.21
CA SER A 48 10.59 -18.89 -38.30
C SER A 48 9.39 -18.27 -39.00
N ASP A 49 8.22 -18.91 -38.91
CA ASP A 49 7.03 -18.37 -39.57
C ASP A 49 6.14 -17.57 -38.63
N ALA A 50 6.61 -17.35 -37.40
CA ALA A 50 5.83 -16.60 -36.43
C ALA A 50 5.86 -15.10 -36.72
N PRO A 51 4.70 -14.43 -36.63
CA PRO A 51 4.67 -13.00 -36.88
C PRO A 51 5.06 -12.26 -35.61
N LEU A 52 5.46 -11.01 -35.75
CA LEU A 52 5.82 -10.17 -34.61
C LEU A 52 4.53 -9.48 -34.20
N ARG A 53 4.10 -9.70 -32.96
CA ARG A 53 2.87 -9.10 -32.47
C ARG A 53 3.19 -7.99 -31.46
N LEU A 54 2.96 -6.75 -31.88
CA LEU A 54 3.23 -5.59 -31.03
C LEU A 54 1.96 -5.06 -30.38
N ASN A 55 2.05 -4.71 -29.09
CA ASN A 55 0.90 -4.17 -28.39
C ASN A 55 0.83 -2.67 -28.64
N GLY A 56 -0.38 -2.14 -28.78
CA GLY A 56 -0.55 -0.72 -29.00
C GLY A 56 -1.96 -0.31 -28.63
N GLU A 57 -2.09 0.82 -27.94
CA GLU A 57 -3.40 1.33 -27.54
C GLU A 57 -3.49 2.83 -27.81
N ASP A 58 -4.53 3.24 -28.52
CA ASP A 58 -4.77 4.65 -28.82
C ASP A 58 -3.58 5.34 -29.48
N LEU A 59 -3.07 4.73 -30.54
CA LEU A 59 -1.94 5.28 -31.29
C LEU A 59 -2.34 5.58 -32.72
N LYS A 60 -1.76 6.63 -33.30
CA LYS A 60 -2.03 6.94 -34.70
C LYS A 60 -0.77 6.52 -35.44
N LEU A 61 -0.83 5.39 -36.12
CA LEU A 61 0.31 4.86 -36.85
C LEU A 61 0.64 5.71 -38.08
N VAL A 62 1.90 6.11 -38.19
CA VAL A 62 2.34 6.92 -39.32
C VAL A 62 3.06 6.05 -40.36
N SER A 63 3.96 5.20 -39.90
CA SER A 63 4.69 4.32 -40.81
C SER A 63 5.39 3.17 -40.12
N VAL A 64 5.67 2.13 -40.91
CA VAL A 64 6.36 0.93 -40.45
C VAL A 64 7.46 0.58 -41.45
N HIS A 65 8.70 0.48 -40.96
CA HIS A 65 9.82 0.11 -41.82
C HIS A 65 10.60 -1.03 -41.17
N ILE A 66 11.16 -1.90 -42.01
CA ILE A 66 11.99 -3.01 -41.56
C ILE A 66 13.29 -2.81 -42.32
N ASN A 67 14.38 -2.53 -41.59
CA ASN A 67 15.68 -2.26 -42.22
C ASN A 67 15.53 -1.13 -43.24
N ASP A 68 14.74 -0.12 -42.87
CA ASP A 68 14.47 1.06 -43.69
C ASP A 68 13.58 0.83 -44.90
N GLU A 69 13.09 -0.39 -45.06
CA GLU A 69 12.20 -0.72 -46.18
C GLU A 69 10.75 -0.58 -45.73
N PRO A 70 9.96 0.27 -46.42
CA PRO A 70 8.56 0.42 -46.04
C PRO A 70 7.93 -0.97 -46.06
N TRP A 71 7.32 -1.37 -44.95
CA TRP A 71 6.74 -2.71 -44.86
C TRP A 71 5.28 -2.79 -45.30
N THR A 72 4.98 -3.78 -46.14
CA THR A 72 3.62 -3.97 -46.63
C THR A 72 2.95 -5.18 -45.99
N ALA A 73 3.74 -6.02 -45.32
CA ALA A 73 3.19 -7.22 -44.69
C ALA A 73 2.85 -7.03 -43.22
N TRP A 74 1.83 -6.23 -42.96
CA TRP A 74 1.38 -5.97 -41.59
C TRP A 74 -0.10 -5.65 -41.56
N LYS A 75 -0.70 -5.78 -40.38
CA LYS A 75 -2.10 -5.51 -40.20
C LYS A 75 -2.33 -5.00 -38.78
N GLU A 76 -3.21 -4.03 -38.64
CA GLU A 76 -3.55 -3.52 -37.32
C GLU A 76 -4.83 -4.23 -36.89
N GLU A 77 -4.87 -4.65 -35.64
CA GLU A 77 -6.04 -5.33 -35.09
C GLU A 77 -6.29 -4.71 -33.73
N GLU A 78 -7.34 -5.15 -33.04
CA GLU A 78 -7.65 -4.63 -31.73
C GLU A 78 -6.44 -4.73 -30.80
N GLY A 79 -5.96 -3.57 -30.36
CA GLY A 79 -4.83 -3.51 -29.46
C GLY A 79 -3.49 -4.03 -29.98
N ALA A 80 -3.35 -4.18 -31.29
CA ALA A 80 -2.08 -4.69 -31.79
C ALA A 80 -1.73 -4.37 -33.24
N LEU A 81 -0.45 -4.56 -33.53
CA LEU A 81 0.10 -4.37 -34.88
C LEU A 81 0.83 -5.69 -35.12
N VAL A 82 0.33 -6.46 -36.09
CA VAL A 82 0.90 -7.76 -36.41
C VAL A 82 1.74 -7.66 -37.67
N ILE A 83 3.04 -7.93 -37.53
CA ILE A 83 3.97 -7.84 -38.66
C ILE A 83 4.44 -9.22 -39.09
N SER A 84 4.18 -9.56 -40.36
CA SER A 84 4.53 -10.86 -40.90
C SER A 84 5.75 -10.93 -41.80
N ASN A 85 6.18 -12.16 -42.07
CA ASN A 85 7.29 -12.46 -42.98
C ASN A 85 8.59 -11.71 -42.71
N LEU A 86 9.08 -11.82 -41.48
CA LEU A 86 10.28 -11.11 -41.07
C LEU A 86 11.57 -11.92 -41.05
N PRO A 87 12.72 -11.22 -41.12
CA PRO A 87 14.04 -11.85 -41.09
C PRO A 87 14.25 -12.32 -39.64
N GLU A 88 15.30 -13.09 -39.39
CA GLU A 88 15.57 -13.58 -38.04
C GLU A 88 16.04 -12.44 -37.14
N ARG A 89 16.78 -11.49 -37.73
CA ARG A 89 17.29 -10.32 -37.02
C ARG A 89 17.02 -9.12 -37.91
N PHE A 90 16.54 -8.02 -37.34
CA PHE A 90 16.23 -6.86 -38.14
C PHE A 90 16.01 -5.61 -37.31
N THR A 91 15.95 -4.47 -38.00
CA THR A 91 15.71 -3.19 -37.36
C THR A 91 14.28 -2.76 -37.67
N LEU A 92 13.48 -2.61 -36.62
CA LEU A 92 12.10 -2.19 -36.77
C LEU A 92 12.00 -0.70 -36.51
N LYS A 93 11.33 0.03 -37.39
CA LYS A 93 11.15 1.46 -37.18
C LYS A 93 9.67 1.80 -37.24
N ILE A 94 9.15 2.31 -36.13
CA ILE A 94 7.75 2.70 -36.03
C ILE A 94 7.65 4.19 -35.74
N ILE A 95 6.77 4.87 -36.47
CA ILE A 95 6.53 6.29 -36.22
C ILE A 95 5.04 6.37 -35.95
N ASN A 96 4.65 6.98 -34.83
CA ASN A 96 3.25 7.12 -34.50
C ASN A 96 3.02 8.39 -33.71
N GLU A 97 1.76 8.79 -33.60
CA GLU A 97 1.41 9.99 -32.85
C GLU A 97 0.52 9.65 -31.67
N ILE A 98 0.61 10.49 -30.63
CA ILE A 98 -0.19 10.36 -29.43
C ILE A 98 -0.54 11.78 -28.97
N SER A 99 -1.50 11.90 -28.05
CA SER A 99 -1.93 13.23 -27.59
C SER A 99 -1.96 13.28 -26.06
N PRO A 100 -0.86 13.72 -25.45
CA PRO A 100 -0.75 13.82 -24.00
C PRO A 100 -1.89 14.59 -23.32
N ALA A 101 -2.29 15.71 -23.92
CA ALA A 101 -3.35 16.54 -23.36
C ALA A 101 -4.69 15.81 -23.25
N ALA A 102 -4.93 14.87 -24.14
CA ALA A 102 -6.19 14.12 -24.14
C ALA A 102 -6.16 12.89 -23.23
N ASN A 103 -5.00 12.61 -22.65
CA ASN A 103 -4.83 11.46 -21.78
C ASN A 103 -5.31 11.71 -20.35
N THR A 104 -6.62 11.56 -20.12
CA THR A 104 -7.19 11.79 -18.80
C THR A 104 -7.03 10.58 -17.88
N ALA A 105 -6.72 9.42 -18.45
CA ALA A 105 -6.54 8.20 -17.66
C ALA A 105 -5.20 8.19 -16.93
N LEU A 106 -4.30 9.09 -17.34
CA LEU A 106 -2.97 9.21 -16.75
C LEU A 106 -2.17 7.91 -16.88
N GLU A 107 -2.28 7.28 -18.05
CA GLU A 107 -1.58 6.03 -18.36
C GLU A 107 -0.86 6.25 -19.69
N GLY A 108 0.48 6.16 -19.67
CA GLY A 108 1.27 6.39 -20.86
C GLY A 108 1.90 7.78 -20.70
N LEU A 109 1.91 8.57 -21.76
CA LEU A 109 2.46 9.93 -21.69
C LEU A 109 1.28 10.89 -21.51
N TYR A 110 1.29 11.64 -20.41
CA TYR A 110 0.19 12.56 -20.14
C TYR A 110 0.64 13.89 -19.59
N GLN A 111 -0.32 14.76 -19.35
CA GLN A 111 -0.04 16.09 -18.83
C GLN A 111 -0.42 16.21 -17.35
N SER A 112 0.49 16.77 -16.56
CA SER A 112 0.27 16.98 -15.13
C SER A 112 0.54 18.46 -14.93
N GLY A 113 -0.52 19.26 -14.86
CA GLY A 113 -0.33 20.70 -14.73
C GLY A 113 0.26 21.15 -16.07
N ASP A 114 1.41 21.80 -16.02
CA ASP A 114 2.06 22.27 -17.25
C ASP A 114 3.15 21.29 -17.70
N ALA A 115 3.43 20.29 -16.87
CA ALA A 115 4.45 19.31 -17.20
C ALA A 115 3.89 18.11 -17.96
N LEU A 116 4.78 17.39 -18.62
CA LEU A 116 4.42 16.18 -19.34
C LEU A 116 5.22 15.10 -18.63
N CYS A 117 4.57 13.97 -18.33
CA CYS A 117 5.25 12.88 -17.65
C CYS A 117 4.60 11.56 -18.03
N THR A 118 5.24 10.47 -17.62
CA THR A 118 4.75 9.14 -17.96
C THR A 118 4.48 8.24 -16.77
N GLN A 119 3.71 7.18 -17.04
CA GLN A 119 3.41 6.12 -16.09
C GLN A 119 3.24 4.92 -17.01
N CYS A 120 4.19 4.00 -16.98
CA CYS A 120 4.15 2.83 -17.85
C CYS A 120 3.76 1.46 -17.24
N GLU A 121 3.84 1.28 -15.93
CA GLU A 121 3.45 0.03 -15.29
C GLU A 121 1.97 0.04 -14.94
N ALA A 122 1.25 -1.06 -15.21
CA ALA A 122 1.78 -2.33 -15.72
C ALA A 122 1.98 -2.26 -17.23
N GLU A 123 0.99 -1.84 -18.02
CA GLU A 123 1.06 -1.83 -19.49
C GLU A 123 0.75 -0.49 -20.15
N GLY A 124 1.45 0.55 -19.70
CA GLY A 124 1.23 1.88 -20.25
C GLY A 124 2.12 2.24 -21.42
N PHE A 125 3.25 1.55 -21.58
CA PHE A 125 4.16 1.88 -22.69
C PHE A 125 3.48 1.65 -24.03
N ARG A 126 2.55 0.70 -24.10
CA ARG A 126 1.85 0.42 -25.35
C ARG A 126 0.95 1.59 -25.73
N HIS A 127 0.76 2.53 -24.81
CA HIS A 127 -0.06 3.72 -25.07
C HIS A 127 0.85 4.82 -25.63
N ILE A 128 2.13 4.51 -25.74
CA ILE A 128 3.11 5.45 -26.27
C ILE A 128 3.56 5.05 -27.68
N THR A 129 3.80 3.75 -27.89
CA THR A 129 4.19 3.25 -29.21
C THR A 129 3.92 1.74 -29.28
N TYR A 130 3.96 1.18 -30.49
CA TYR A 130 3.74 -0.26 -30.65
C TYR A 130 4.99 -0.96 -30.16
N TYR A 131 4.83 -1.86 -29.19
CA TYR A 131 6.00 -2.52 -28.63
C TYR A 131 5.68 -3.87 -27.99
N LEU A 132 6.72 -4.59 -27.59
CA LEU A 132 6.54 -5.86 -26.91
C LEU A 132 6.38 -5.46 -25.44
N ASP A 133 5.17 -5.01 -25.11
CA ASP A 133 4.85 -4.53 -23.77
C ASP A 133 4.61 -5.68 -22.79
N ARG A 134 5.68 -6.41 -22.48
CA ARG A 134 5.68 -7.53 -21.55
C ARG A 134 7.00 -7.45 -20.82
N PRO A 135 7.00 -7.67 -19.49
CA PRO A 135 8.22 -7.58 -18.68
C PRO A 135 9.38 -8.56 -18.87
N ASP A 136 9.19 -9.61 -19.65
CA ASP A 136 10.28 -10.55 -19.89
C ASP A 136 11.09 -10.17 -21.14
N VAL A 137 10.75 -9.02 -21.72
CA VAL A 137 11.48 -8.48 -22.88
C VAL A 137 12.28 -7.30 -22.32
N LEU A 138 13.59 -7.47 -22.23
CA LEU A 138 14.48 -6.44 -21.70
C LEU A 138 15.35 -5.82 -22.79
N ALA A 139 15.25 -4.51 -22.93
CA ALA A 139 16.01 -3.80 -23.96
C ALA A 139 16.82 -2.64 -23.40
N ARG A 140 17.89 -2.28 -24.11
CA ARG A 140 18.72 -1.16 -23.71
C ARG A 140 18.12 0.08 -24.39
N PHE A 141 17.68 1.04 -23.58
CA PHE A 141 17.05 2.27 -24.07
C PHE A 141 17.96 3.47 -24.27
N THR A 142 17.67 4.23 -25.32
CA THR A 142 18.35 5.49 -25.62
C THR A 142 17.15 6.36 -25.97
N THR A 143 17.03 7.50 -25.31
CA THR A 143 15.88 8.37 -25.52
C THR A 143 16.22 9.82 -25.86
N LYS A 144 15.79 10.27 -27.04
CA LYS A 144 16.02 11.65 -27.45
C LYS A 144 14.71 12.40 -27.31
N ILE A 145 14.75 13.55 -26.63
CA ILE A 145 13.56 14.35 -26.40
C ILE A 145 13.75 15.73 -27.04
N ILE A 146 12.80 16.13 -27.87
CA ILE A 146 12.85 17.41 -28.55
C ILE A 146 11.63 18.22 -28.13
N ALA A 147 11.83 19.45 -27.69
CA ALA A 147 10.69 20.25 -27.25
C ALA A 147 10.96 21.75 -27.16
N ASP A 148 9.89 22.51 -26.96
CA ASP A 148 9.98 23.96 -26.82
C ASP A 148 10.81 24.21 -25.57
N LYS A 149 11.86 25.01 -25.69
CA LYS A 149 12.75 25.29 -24.57
C LYS A 149 12.12 26.11 -23.44
N ILE A 150 11.30 27.09 -23.79
CA ILE A 150 10.67 27.92 -22.78
C ILE A 150 9.65 27.15 -21.93
N LYS A 151 8.83 26.34 -22.58
CA LYS A 151 7.84 25.56 -21.85
C LYS A 151 8.42 24.33 -21.17
N TYR A 152 9.42 23.72 -21.80
CA TYR A 152 10.03 22.52 -21.25
C TYR A 152 11.55 22.62 -21.16
N PRO A 153 12.06 23.47 -20.25
CA PRO A 153 13.50 23.63 -20.10
C PRO A 153 14.23 22.37 -19.61
N PHE A 154 13.50 21.51 -18.91
CA PHE A 154 14.06 20.25 -18.41
C PHE A 154 13.43 19.09 -19.17
N LEU A 155 14.28 18.28 -19.80
CA LEU A 155 13.85 17.10 -20.56
C LEU A 155 14.60 15.91 -19.96
N LEU A 156 13.87 15.06 -19.24
CA LEU A 156 14.48 13.93 -18.56
C LEU A 156 13.98 12.54 -18.97
N SER A 157 14.88 11.56 -18.90
CA SER A 157 14.54 10.16 -19.16
C SER A 157 15.53 9.33 -18.34
N ASN A 158 15.38 8.00 -18.37
CA ASN A 158 16.27 7.12 -17.60
C ASN A 158 17.74 7.20 -17.99
N GLY A 159 18.61 7.08 -16.99
CA GLY A 159 20.04 7.06 -17.26
C GLY A 159 20.82 8.36 -17.19
N ASN A 160 21.75 8.51 -18.12
CA ASN A 160 22.63 9.67 -18.20
C ASN A 160 22.48 10.43 -19.51
N ARG A 161 22.79 11.72 -19.48
CA ARG A 161 22.71 12.55 -20.69
C ARG A 161 23.95 12.24 -21.53
N VAL A 162 23.74 11.83 -22.78
CA VAL A 162 24.85 11.53 -23.66
C VAL A 162 24.94 12.48 -24.84
N ALA A 163 23.93 13.33 -24.99
CA ALA A 163 23.89 14.31 -26.08
C ALA A 163 22.86 15.38 -25.79
N GLN A 164 23.04 16.53 -26.42
CA GLN A 164 22.12 17.65 -26.25
C GLN A 164 22.43 18.71 -27.30
N GLY A 165 21.40 19.44 -27.70
CA GLY A 165 21.59 20.48 -28.70
C GLY A 165 20.47 21.49 -28.76
N GLU A 166 20.67 22.53 -29.55
CA GLU A 166 19.68 23.59 -29.74
C GLU A 166 19.18 23.53 -31.17
N LEU A 167 17.94 23.95 -31.37
CA LEU A 167 17.32 23.94 -32.69
C LEU A 167 16.66 25.28 -32.99
N GLU A 168 16.26 25.47 -34.24
CA GLU A 168 15.59 26.71 -34.64
C GLU A 168 14.20 26.73 -34.03
N ASN A 169 13.55 27.88 -34.08
CA ASN A 169 12.19 28.05 -33.55
C ASN A 169 12.08 27.83 -32.05
N GLY A 170 13.14 28.16 -31.32
CA GLY A 170 13.14 28.02 -29.87
C GLY A 170 13.01 26.63 -29.29
N ARG A 171 13.44 25.62 -30.04
CA ARG A 171 13.38 24.25 -29.55
C ARG A 171 14.77 23.76 -29.17
N HIS A 172 14.81 22.72 -28.34
CA HIS A 172 16.08 22.14 -27.93
C HIS A 172 15.85 20.65 -27.68
N TRP A 173 16.94 19.92 -27.51
CA TRP A 173 16.82 18.49 -27.28
C TRP A 173 17.90 17.93 -26.37
N VAL A 174 17.61 16.78 -25.78
CA VAL A 174 18.53 16.09 -24.89
C VAL A 174 18.36 14.61 -25.16
N GLN A 175 19.46 13.87 -25.13
CA GLN A 175 19.40 12.44 -25.35
C GLN A 175 19.94 11.72 -24.14
N TRP A 176 19.22 10.69 -23.71
CA TRP A 176 19.57 9.91 -22.55
C TRP A 176 19.90 8.46 -22.90
N GLN A 177 20.80 7.86 -22.13
CA GLN A 177 21.17 6.47 -22.34
C GLN A 177 21.18 5.76 -20.99
N ASP A 178 20.53 4.61 -20.92
CA ASP A 178 20.47 3.80 -19.71
C ASP A 178 21.12 2.47 -20.12
N PRO A 179 22.29 2.16 -19.55
CA PRO A 179 23.00 0.92 -19.89
C PRO A 179 22.33 -0.38 -19.48
N PHE A 180 21.48 -0.32 -18.47
CA PHE A 180 20.80 -1.51 -17.99
C PHE A 180 19.59 -1.94 -18.79
N PRO A 181 19.62 -3.16 -19.34
CA PRO A 181 18.48 -3.64 -20.12
C PRO A 181 17.27 -3.61 -19.19
N LYS A 182 16.11 -3.20 -19.72
CA LYS A 182 14.93 -3.14 -18.89
C LYS A 182 13.63 -3.37 -19.63
N PRO A 183 12.60 -3.81 -18.90
CA PRO A 183 11.29 -4.05 -19.50
C PRO A 183 10.76 -2.63 -19.67
N CYS A 184 9.88 -2.41 -20.64
CA CYS A 184 9.38 -1.07 -20.88
C CYS A 184 8.55 -0.44 -19.77
N TYR A 185 8.08 -1.22 -18.80
CA TYR A 185 7.28 -0.62 -17.75
C TYR A 185 8.14 0.28 -16.87
N LEU A 186 9.46 0.18 -17.02
CA LEU A 186 10.39 1.02 -16.24
C LEU A 186 10.86 2.25 -17.00
N PHE A 187 10.32 2.45 -18.20
CA PHE A 187 10.66 3.62 -19.00
C PHE A 187 9.99 4.85 -18.41
N ALA A 188 10.69 5.98 -18.43
CA ALA A 188 10.11 7.22 -17.92
C ALA A 188 10.59 8.41 -18.73
N LEU A 189 9.71 9.40 -18.88
CA LEU A 189 10.02 10.64 -19.57
C LEU A 189 9.32 11.76 -18.83
N VAL A 190 10.03 12.86 -18.61
CA VAL A 190 9.48 14.02 -17.92
C VAL A 190 9.94 15.27 -18.65
N ALA A 191 9.03 16.22 -18.85
CA ALA A 191 9.38 17.47 -19.50
C ALA A 191 8.63 18.61 -18.80
N GLY A 192 9.36 19.66 -18.44
CA GLY A 192 8.70 20.76 -17.77
C GLY A 192 9.68 21.75 -17.16
N ASP A 193 9.16 22.67 -16.38
CA ASP A 193 9.96 23.68 -15.71
C ASP A 193 9.87 23.36 -14.22
N PHE A 194 11.01 23.16 -13.58
CA PHE A 194 11.02 22.78 -12.17
C PHE A 194 12.09 23.48 -11.37
N ASP A 195 11.93 23.44 -10.05
CA ASP A 195 12.95 23.94 -9.15
C ASP A 195 13.62 22.60 -8.85
N VAL A 196 14.93 22.60 -8.65
CA VAL A 196 15.63 21.36 -8.41
C VAL A 196 16.54 21.38 -7.19
N LEU A 197 16.36 20.40 -6.31
CA LEU A 197 17.21 20.30 -5.12
C LEU A 197 18.25 19.25 -5.48
N ARG A 198 19.52 19.65 -5.43
CA ARG A 198 20.61 18.75 -5.77
C ARG A 198 21.47 18.44 -4.56
N ASP A 199 21.86 17.18 -4.42
CA ASP A 199 22.69 16.75 -3.31
C ASP A 199 23.54 15.60 -3.82
N THR A 200 24.28 14.95 -2.91
CA THR A 200 25.14 13.85 -3.30
C THR A 200 25.15 12.76 -2.23
N PHE A 201 25.34 11.52 -2.66
CA PHE A 201 25.45 10.40 -1.75
C PHE A 201 26.65 9.59 -2.22
N THR A 202 27.55 9.27 -1.32
CA THR A 202 28.72 8.47 -1.66
C THR A 202 28.52 7.06 -1.13
N THR A 203 28.50 6.08 -2.02
CA THR A 203 28.29 4.69 -1.61
C THR A 203 29.45 4.21 -0.76
N ARG A 204 29.27 3.07 -0.09
CA ARG A 204 30.31 2.56 0.77
C ARG A 204 31.59 2.19 0.01
N SER A 205 31.47 1.91 -1.28
CA SER A 205 32.64 1.57 -2.09
C SER A 205 33.25 2.80 -2.76
N GLY A 206 32.64 3.97 -2.53
CA GLY A 206 33.17 5.19 -3.10
C GLY A 206 32.49 5.82 -4.30
N ARG A 207 31.43 5.21 -4.82
CA ARG A 207 30.74 5.79 -5.98
C ARG A 207 29.95 7.02 -5.54
N GLU A 208 30.25 8.16 -6.14
CA GLU A 208 29.53 9.38 -5.81
C GLU A 208 28.32 9.50 -6.72
N VAL A 209 27.13 9.52 -6.11
CA VAL A 209 25.88 9.60 -6.85
C VAL A 209 25.25 10.97 -6.75
N ALA A 210 24.93 11.56 -7.90
CA ALA A 210 24.29 12.87 -7.92
C ALA A 210 22.80 12.63 -7.66
N LEU A 211 22.27 13.31 -6.66
CA LEU A 211 20.85 13.18 -6.32
C LEU A 211 20.13 14.44 -6.78
N GLU A 212 19.02 14.26 -7.50
CA GLU A 212 18.26 15.41 -7.99
C GLU A 212 16.76 15.22 -7.77
N LEU A 213 16.17 16.17 -7.06
CA LEU A 213 14.75 16.15 -6.76
C LEU A 213 14.07 17.32 -7.47
N TYR A 214 13.22 17.00 -8.44
CA TYR A 214 12.50 17.98 -9.23
C TYR A 214 11.10 18.23 -8.66
N VAL A 215 10.78 19.50 -8.40
CA VAL A 215 9.48 19.88 -7.87
C VAL A 215 8.95 21.11 -8.60
N ASP A 216 7.66 21.36 -8.53
CA ASP A 216 7.10 22.53 -9.20
C ASP A 216 7.74 23.79 -8.61
N ARG A 217 7.86 24.82 -9.43
CA ARG A 217 8.44 26.08 -9.00
C ARG A 217 7.77 26.57 -7.73
N GLY A 218 8.58 26.93 -6.73
CA GLY A 218 8.04 27.42 -5.48
C GLY A 218 7.91 26.36 -4.39
N ASN A 219 8.25 25.12 -4.71
CA ASN A 219 8.13 24.05 -3.72
C ASN A 219 9.44 23.58 -3.10
N LEU A 220 10.53 24.32 -3.33
CA LEU A 220 11.82 23.92 -2.76
C LEU A 220 11.79 23.87 -1.23
N ASP A 221 10.95 24.69 -0.61
CA ASP A 221 10.88 24.69 0.86
C ASP A 221 10.28 23.41 1.43
N ARG A 222 9.80 22.53 0.56
CA ARG A 222 9.22 21.27 1.00
C ARG A 222 9.96 20.04 0.48
N ALA A 223 11.18 20.24 -0.02
CA ALA A 223 11.96 19.14 -0.59
C ALA A 223 13.06 18.47 0.26
N PRO A 224 13.66 19.19 1.22
CA PRO A 224 14.72 18.59 2.04
C PRO A 224 14.46 17.25 2.73
N TRP A 225 13.28 17.06 3.32
CA TRP A 225 13.01 15.81 3.99
C TRP A 225 13.05 14.60 3.05
N ALA A 226 12.51 14.77 1.85
CA ALA A 226 12.52 13.69 0.88
C ALA A 226 13.95 13.36 0.48
N MET A 227 14.77 14.39 0.31
CA MET A 227 16.17 14.20 -0.06
C MET A 227 16.90 13.47 1.07
N THR A 228 16.60 13.87 2.30
CA THR A 228 17.21 13.26 3.47
C THR A 228 16.79 11.79 3.54
N SER A 229 15.53 11.52 3.23
CA SER A 229 15.01 10.16 3.26
C SER A 229 15.65 9.29 2.18
N LEU A 230 15.95 9.88 1.03
CA LEU A 230 16.59 9.13 -0.05
C LEU A 230 17.96 8.68 0.42
N LYS A 231 18.72 9.62 1.00
CA LYS A 231 20.05 9.28 1.49
C LYS A 231 19.94 8.21 2.59
N ASN A 232 18.95 8.34 3.46
CA ASN A 232 18.76 7.35 4.53
C ASN A 232 18.47 5.98 3.91
N SER A 233 17.68 5.96 2.83
CA SER A 233 17.32 4.72 2.16
C SER A 233 18.55 4.05 1.55
N MET A 234 19.38 4.87 0.90
CA MET A 234 20.59 4.34 0.27
C MET A 234 21.53 3.75 1.31
N LYS A 235 21.71 4.46 2.43
CA LYS A 235 22.58 3.98 3.48
C LYS A 235 22.06 2.68 4.10
N TRP A 236 20.76 2.62 4.36
CA TRP A 236 20.17 1.42 4.96
C TRP A 236 20.29 0.19 4.06
N ASP A 237 20.03 0.34 2.77
CA ASP A 237 20.13 -0.83 1.90
C ASP A 237 21.56 -1.36 1.89
N GLU A 238 22.54 -0.47 2.05
CA GLU A 238 23.93 -0.92 2.09
C GLU A 238 24.19 -1.68 3.39
N GLU A 239 23.79 -1.09 4.51
CA GLU A 239 24.00 -1.70 5.82
C GLU A 239 23.24 -3.00 6.03
N ARG A 240 21.95 -3.01 5.71
CA ARG A 240 21.11 -4.18 5.94
C ARG A 240 21.17 -5.27 4.86
N PHE A 241 21.13 -4.87 3.58
CA PHE A 241 21.17 -5.84 2.50
C PHE A 241 22.46 -5.89 1.69
N GLY A 242 23.39 -4.99 1.99
CA GLY A 242 24.65 -4.96 1.26
C GLY A 242 24.49 -4.54 -0.19
N LEU A 243 23.48 -3.73 -0.47
CA LEU A 243 23.21 -3.28 -1.82
C LEU A 243 23.54 -1.81 -2.06
N GLU A 244 24.26 -1.53 -3.14
CA GLU A 244 24.64 -0.17 -3.50
C GLU A 244 23.91 0.28 -4.77
N TYR A 245 23.70 1.59 -4.91
CA TYR A 245 23.07 2.11 -6.11
C TYR A 245 24.04 1.81 -7.25
N ASP A 246 23.51 1.64 -8.45
CA ASP A 246 24.33 1.26 -9.60
C ASP A 246 24.50 2.25 -10.75
N LEU A 247 23.96 3.45 -10.60
CA LEU A 247 24.08 4.46 -11.64
C LEU A 247 24.75 5.72 -11.09
N ASP A 248 24.95 6.69 -11.98
CA ASP A 248 25.62 7.94 -11.66
C ASP A 248 24.74 9.03 -11.11
N ILE A 249 23.44 8.95 -11.42
CA ILE A 249 22.50 9.94 -10.97
C ILE A 249 21.20 9.28 -10.54
N TYR A 250 20.54 9.90 -9.56
CA TYR A 250 19.26 9.40 -9.07
C TYR A 250 18.30 10.57 -9.12
N MET A 251 17.33 10.51 -10.04
CA MET A 251 16.36 11.59 -10.17
C MET A 251 15.00 11.17 -9.64
N ILE A 252 14.32 12.13 -9.01
CA ILE A 252 12.97 11.93 -8.50
C ILE A 252 12.19 13.16 -8.92
N VAL A 253 11.03 12.96 -9.54
CA VAL A 253 10.20 14.08 -9.95
C VAL A 253 8.87 13.97 -9.23
N ALA A 254 8.48 15.05 -8.55
CA ALA A 254 7.20 15.08 -7.83
C ALA A 254 6.16 15.72 -8.73
N VAL A 255 5.10 14.98 -9.03
CA VAL A 255 4.02 15.50 -9.88
C VAL A 255 2.70 15.55 -9.12
N ASP A 256 1.84 16.48 -9.48
CA ASP A 256 0.56 16.64 -8.78
C ASP A 256 -0.54 15.68 -9.24
N PHE A 257 -0.45 15.24 -10.49
CA PHE A 257 -1.45 14.33 -11.04
C PHE A 257 -0.82 12.95 -11.23
N PHE A 258 -1.19 12.01 -10.36
CA PHE A 258 -0.63 10.66 -10.39
C PHE A 258 -1.66 9.70 -9.78
N ASN A 259 -1.95 8.59 -10.47
CA ASN A 259 -2.94 7.64 -9.98
C ASN A 259 -2.56 6.85 -8.74
N MET A 260 -1.27 6.69 -8.50
CA MET A 260 -0.83 5.94 -7.33
C MET A 260 0.04 6.83 -6.45
N GLY A 261 0.96 6.21 -5.71
CA GLY A 261 1.82 6.95 -4.82
C GLY A 261 3.18 7.29 -5.42
N ALA A 262 3.81 6.30 -6.05
CA ALA A 262 5.13 6.52 -6.65
C ALA A 262 5.47 5.40 -7.62
N MET A 263 6.52 5.59 -8.42
CA MET A 263 6.94 4.61 -9.42
C MET A 263 8.46 4.52 -9.51
N GLU A 264 8.97 3.30 -9.48
CA GLU A 264 10.41 3.05 -9.48
C GLU A 264 11.18 3.08 -10.81
N ASN A 265 10.75 3.91 -11.77
CA ASN A 265 11.45 3.96 -13.06
C ASN A 265 12.97 4.09 -12.83
N LYS A 266 13.75 3.23 -13.49
CA LYS A 266 15.19 3.22 -13.30
C LYS A 266 15.87 4.59 -13.38
N GLY A 267 16.44 5.02 -12.24
CA GLY A 267 17.14 6.29 -12.19
C GLY A 267 16.29 7.53 -12.36
N LEU A 268 14.99 7.36 -12.53
CA LEU A 268 14.09 8.49 -12.71
C LEU A 268 12.73 8.14 -12.12
N ASN A 269 12.65 8.11 -10.79
CA ASN A 269 11.40 7.79 -10.13
C ASN A 269 10.44 8.96 -10.33
N ILE A 270 9.15 8.65 -10.46
CA ILE A 270 8.13 9.68 -10.58
C ILE A 270 7.22 9.44 -9.36
N PHE A 271 7.07 10.48 -8.57
CA PHE A 271 6.31 10.44 -7.32
C PHE A 271 5.09 11.34 -7.27
N ASN A 272 4.05 10.86 -6.60
CA ASN A 272 2.87 11.67 -6.36
C ASN A 272 3.45 12.68 -5.37
N SER A 273 3.19 13.97 -5.56
CA SER A 273 3.75 14.98 -4.66
C SER A 273 3.41 14.72 -3.19
N LYS A 274 2.34 13.96 -2.94
CA LYS A 274 1.94 13.65 -1.58
C LYS A 274 3.04 12.89 -0.83
N TYR A 275 3.86 12.16 -1.58
CA TYR A 275 4.93 11.40 -0.94
C TYR A 275 6.32 11.99 -1.12
N VAL A 276 6.36 13.31 -1.30
CA VAL A 276 7.60 14.05 -1.43
C VAL A 276 7.59 15.34 -0.61
N LEU A 277 6.58 16.17 -0.85
CA LEU A 277 6.48 17.48 -0.21
C LEU A 277 6.10 17.54 1.26
N ALA A 278 6.97 18.14 2.07
CA ALA A 278 6.72 18.28 3.49
C ALA A 278 7.49 19.42 4.14
N ARG A 279 6.81 20.09 5.07
CA ARG A 279 7.40 21.15 5.89
C ARG A 279 6.54 21.05 7.14
N THR A 280 7.06 21.48 8.29
CA THR A 280 6.33 21.31 9.53
C THR A 280 4.93 21.90 9.64
N ASP A 281 4.62 22.93 8.86
CA ASP A 281 3.27 23.51 8.95
C ASP A 281 2.29 22.94 7.95
N THR A 282 2.76 22.08 7.04
CA THR A 282 1.86 21.48 6.04
C THR A 282 1.76 19.96 6.20
N ALA A 283 2.76 19.35 6.80
CA ALA A 283 2.79 17.90 6.95
C ALA A 283 2.79 17.42 8.39
N THR A 284 2.17 16.26 8.61
CA THR A 284 2.08 15.64 9.94
C THR A 284 3.21 14.61 10.11
N ASP A 285 3.37 14.12 11.34
CA ASP A 285 4.39 13.11 11.61
C ASP A 285 4.14 11.94 10.66
N LYS A 286 2.86 11.60 10.46
CA LYS A 286 2.49 10.50 9.58
C LYS A 286 2.99 10.76 8.16
N ASP A 287 2.80 11.99 7.68
CA ASP A 287 3.25 12.34 6.33
C ASP A 287 4.77 12.15 6.23
N TYR A 288 5.49 12.61 7.25
CA TYR A 288 6.94 12.47 7.24
C TYR A 288 7.35 11.01 7.16
N LEU A 289 6.72 10.16 7.98
CA LEU A 289 7.06 8.75 7.98
C LEU A 289 6.60 8.05 6.70
N ASP A 290 5.52 8.55 6.09
CA ASP A 290 5.03 7.95 4.84
C ASP A 290 5.98 8.31 3.71
N ILE A 291 6.48 9.55 3.71
CA ILE A 291 7.42 9.99 2.69
C ILE A 291 8.67 9.13 2.81
N GLU A 292 9.10 8.90 4.04
CA GLU A 292 10.27 8.06 4.29
C GLU A 292 10.04 6.67 3.73
N ARG A 293 8.87 6.11 4.02
CA ARG A 293 8.52 4.77 3.55
C ARG A 293 8.48 4.64 2.04
N VAL A 294 7.81 5.58 1.38
CA VAL A 294 7.66 5.51 -0.07
C VAL A 294 8.97 5.82 -0.81
N ILE A 295 9.72 6.81 -0.32
CA ILE A 295 11.00 7.12 -0.94
C ILE A 295 11.86 5.85 -0.86
N GLY A 296 11.89 5.24 0.32
CA GLY A 296 12.65 4.02 0.50
C GLY A 296 12.15 2.89 -0.38
N HIS A 297 10.85 2.66 -0.36
CA HIS A 297 10.23 1.60 -1.16
C HIS A 297 10.68 1.63 -2.63
N GLU A 298 10.49 2.77 -3.29
CA GLU A 298 10.87 2.85 -4.70
C GLU A 298 12.37 2.68 -4.86
N TYR A 299 13.15 3.18 -3.90
CA TYR A 299 14.60 3.01 -4.00
C TYR A 299 14.96 1.53 -3.90
N PHE A 300 14.30 0.82 -3.00
CA PHE A 300 14.59 -0.60 -2.81
C PHE A 300 14.27 -1.42 -4.05
N HIS A 301 13.34 -0.93 -4.87
CA HIS A 301 12.99 -1.61 -6.11
C HIS A 301 14.18 -1.63 -7.07
N ASN A 302 15.15 -0.74 -6.86
CA ASN A 302 16.28 -0.71 -7.78
C ASN A 302 16.88 -2.10 -7.93
N TRP A 303 16.86 -2.87 -6.85
CA TRP A 303 17.36 -4.22 -6.90
C TRP A 303 16.20 -5.21 -6.96
N THR A 304 15.24 -5.09 -6.05
CA THR A 304 14.11 -6.01 -6.06
C THR A 304 12.99 -5.48 -6.95
N GLY A 305 13.19 -5.63 -8.27
CA GLY A 305 12.22 -5.15 -9.24
C GLY A 305 12.90 -4.70 -10.52
N ASN A 306 14.01 -3.97 -10.39
CA ASN A 306 14.72 -3.48 -11.58
C ASN A 306 15.89 -4.38 -11.98
N ARG A 307 16.91 -4.51 -11.13
CA ARG A 307 18.05 -5.37 -11.49
C ARG A 307 17.52 -6.80 -11.70
N VAL A 308 16.50 -7.18 -10.93
CA VAL A 308 15.83 -8.46 -11.12
C VAL A 308 14.37 -8.05 -11.26
N THR A 309 13.79 -8.29 -12.43
CA THR A 309 12.41 -7.91 -12.67
C THR A 309 11.45 -9.10 -12.70
N CYS A 310 10.24 -8.90 -13.21
CA CYS A 310 9.22 -9.96 -13.26
C CYS A 310 9.06 -10.58 -14.64
N ARG A 311 9.01 -11.91 -14.70
CA ARG A 311 8.85 -12.63 -15.96
C ARG A 311 7.51 -12.28 -16.61
N ASP A 312 6.49 -12.14 -15.79
CA ASP A 312 5.15 -11.81 -16.26
C ASP A 312 4.43 -11.12 -15.10
N TRP A 313 3.28 -10.52 -15.36
CA TRP A 313 2.59 -9.79 -14.29
C TRP A 313 1.97 -10.62 -13.19
N PHE A 314 1.82 -11.92 -13.42
CA PHE A 314 1.27 -12.77 -12.38
C PHE A 314 2.32 -12.88 -11.27
N GLN A 315 3.57 -12.54 -11.59
CA GLN A 315 4.66 -12.59 -10.62
C GLN A 315 4.86 -11.24 -9.93
N LEU A 316 3.86 -10.36 -9.99
CA LEU A 316 4.00 -9.03 -9.39
C LEU A 316 4.51 -9.04 -7.94
N SER A 317 4.02 -9.95 -7.12
CA SER A 317 4.44 -9.99 -5.72
C SER A 317 5.94 -10.25 -5.56
N LEU A 318 6.56 -10.86 -6.58
CA LEU A 318 8.00 -11.12 -6.54
C LEU A 318 8.73 -9.82 -6.21
N LYS A 319 8.26 -8.71 -6.78
CA LYS A 319 8.89 -7.43 -6.48
C LYS A 319 8.11 -6.62 -5.44
N GLU A 320 6.79 -6.63 -5.50
CA GLU A 320 6.02 -5.84 -4.53
C GLU A 320 6.00 -6.40 -3.11
N GLY A 321 5.79 -7.71 -2.96
CA GLY A 321 5.79 -8.28 -1.62
C GLY A 321 7.16 -8.13 -0.98
N LEU A 322 8.20 -8.43 -1.75
CA LEU A 322 9.57 -8.33 -1.26
C LEU A 322 9.99 -6.89 -0.98
N THR A 323 9.56 -5.95 -1.82
CA THR A 323 9.91 -4.56 -1.61
C THR A 323 9.13 -3.95 -0.46
N VAL A 324 7.90 -4.42 -0.23
CA VAL A 324 7.13 -3.92 0.90
C VAL A 324 7.82 -4.44 2.16
N PHE A 325 8.26 -5.69 2.13
CA PHE A 325 8.97 -6.27 3.28
C PHE A 325 10.19 -5.40 3.56
N ARG A 326 10.89 -5.02 2.49
CA ARG A 326 12.07 -4.19 2.64
C ARG A 326 11.72 -2.80 3.18
N ASP A 327 10.63 -2.19 2.72
CA ASP A 327 10.30 -0.87 3.25
C ASP A 327 9.85 -0.95 4.71
N GLN A 328 9.26 -2.08 5.11
CA GLN A 328 8.83 -2.24 6.50
C GLN A 328 10.05 -2.40 7.40
N GLU A 329 11.04 -3.15 6.93
CA GLU A 329 12.26 -3.37 7.69
C GLU A 329 13.04 -2.07 7.81
N PHE A 330 12.98 -1.25 6.77
CA PHE A 330 13.66 0.04 6.74
C PHE A 330 13.01 0.94 7.80
N SER A 331 11.70 1.12 7.70
CA SER A 331 10.97 1.94 8.67
C SER A 331 11.18 1.44 10.09
N SER A 332 11.10 0.12 10.26
CA SER A 332 11.25 -0.51 11.57
C SER A 332 12.64 -0.32 12.15
N ASP A 333 13.67 -0.48 11.32
CA ASP A 333 15.04 -0.32 11.80
C ASP A 333 15.33 1.12 12.20
N LEU A 334 14.81 2.07 11.44
CA LEU A 334 15.04 3.49 11.74
C LEU A 334 14.15 4.05 12.84
N GLY A 335 12.96 3.50 13.00
CA GLY A 335 12.06 4.02 14.02
C GLY A 335 11.67 3.01 15.09
N SER A 336 10.37 2.91 15.36
CA SER A 336 9.86 1.98 16.35
C SER A 336 9.42 0.71 15.65
N ARG A 337 10.12 -0.39 15.91
CA ARG A 337 9.73 -1.64 15.27
C ARG A 337 8.36 -2.08 15.74
N ALA A 338 8.07 -1.89 17.02
CA ALA A 338 6.78 -2.28 17.58
C ALA A 338 5.62 -1.54 16.93
N VAL A 339 5.73 -0.21 16.81
CA VAL A 339 4.68 0.59 16.19
C VAL A 339 4.50 0.19 14.73
N ASN A 340 5.61 0.01 14.01
CA ASN A 340 5.52 -0.39 12.61
C ASN A 340 4.83 -1.73 12.47
N ARG A 341 5.20 -2.70 13.30
CA ARG A 341 4.58 -4.02 13.21
C ARG A 341 3.10 -3.94 13.54
N ILE A 342 2.77 -3.18 14.58
CA ILE A 342 1.38 -3.00 14.98
C ILE A 342 0.57 -2.40 13.84
N ASN A 343 1.09 -1.35 13.23
CA ASN A 343 0.39 -0.70 12.12
C ASN A 343 0.20 -1.63 10.93
N ASN A 344 1.21 -2.42 10.62
CA ASN A 344 1.11 -3.32 9.49
C ASN A 344 0.14 -4.47 9.77
N VAL A 345 0.00 -4.84 11.04
CA VAL A 345 -0.93 -5.91 11.40
C VAL A 345 -2.36 -5.34 11.37
N ARG A 346 -2.52 -4.06 11.69
CA ARG A 346 -3.84 -3.45 11.62
C ARG A 346 -4.30 -3.45 10.16
N THR A 347 -3.36 -3.20 9.25
CA THR A 347 -3.68 -3.19 7.83
C THR A 347 -4.04 -4.60 7.36
N MET A 348 -3.28 -5.59 7.80
CA MET A 348 -3.55 -6.98 7.42
C MET A 348 -4.91 -7.46 7.91
N ARG A 349 -5.14 -7.34 9.21
CA ARG A 349 -6.40 -7.80 9.80
C ARG A 349 -7.62 -6.98 9.40
N GLY A 350 -7.47 -5.66 9.36
CA GLY A 350 -8.60 -4.81 9.04
C GLY A 350 -8.90 -4.55 7.58
N LEU A 351 -7.90 -4.67 6.71
CA LEU A 351 -8.12 -4.41 5.29
C LEU A 351 -7.82 -5.59 4.38
N GLN A 352 -6.67 -6.23 4.54
CA GLN A 352 -6.35 -7.35 3.66
C GLN A 352 -7.24 -8.56 3.90
N PHE A 353 -7.54 -8.87 5.16
CA PHE A 353 -8.42 -10.01 5.45
C PHE A 353 -9.77 -9.77 4.77
N ALA A 354 -10.22 -8.52 4.77
CA ALA A 354 -11.50 -8.18 4.14
C ALA A 354 -11.46 -8.48 2.65
N GLU A 355 -10.32 -8.20 2.02
CA GLU A 355 -10.20 -8.48 0.60
C GLU A 355 -10.20 -9.98 0.34
N ASP A 356 -9.53 -10.73 1.20
CA ASP A 356 -9.46 -12.18 1.06
C ASP A 356 -10.81 -12.85 1.32
N ALA A 357 -11.75 -12.09 1.87
CA ALA A 357 -13.08 -12.59 2.16
C ALA A 357 -14.09 -11.95 1.20
N SER A 358 -13.58 -11.35 0.13
CA SER A 358 -14.42 -10.67 -0.85
C SER A 358 -14.43 -11.37 -2.21
N PRO A 359 -15.27 -10.89 -3.14
CA PRO A 359 -15.34 -11.49 -4.47
C PRO A 359 -14.02 -11.37 -5.23
N MET A 360 -13.18 -10.42 -4.83
CA MET A 360 -11.91 -10.19 -5.50
C MET A 360 -10.75 -11.02 -4.96
N ALA A 361 -11.04 -11.96 -4.07
CA ALA A 361 -9.99 -12.79 -3.50
C ALA A 361 -9.07 -13.41 -4.54
N HIS A 362 -7.77 -13.43 -4.23
CA HIS A 362 -6.77 -14.01 -5.13
C HIS A 362 -5.52 -14.36 -4.35
N PRO A 363 -4.73 -15.33 -4.84
CA PRO A 363 -3.48 -15.73 -4.16
C PRO A 363 -2.50 -14.58 -4.39
N ILE A 364 -1.41 -14.51 -3.61
CA ILE A 364 -0.46 -13.43 -3.80
C ILE A 364 0.14 -13.49 -5.21
N ARG A 365 0.09 -14.69 -5.81
CA ARG A 365 0.54 -14.88 -7.19
C ARG A 365 -0.76 -15.24 -7.91
N PRO A 366 -1.43 -14.25 -8.52
CA PRO A 366 -2.70 -14.49 -9.22
C PRO A 366 -2.64 -15.55 -10.32
N ASP A 367 -3.78 -16.18 -10.57
CA ASP A 367 -3.89 -17.20 -11.62
C ASP A 367 -4.70 -16.66 -12.78
N MET A 368 -5.54 -15.67 -12.52
CA MET A 368 -6.41 -15.09 -13.52
C MET A 368 -6.49 -13.57 -13.39
N VAL A 369 -6.31 -12.88 -14.51
CA VAL A 369 -6.35 -11.43 -14.54
C VAL A 369 -6.98 -10.89 -15.82
N ILE A 370 -7.89 -9.92 -15.68
CA ILE A 370 -8.48 -9.30 -16.85
C ILE A 370 -7.76 -7.97 -17.03
N GLU A 371 -7.78 -7.14 -16.00
CA GLU A 371 -7.11 -5.84 -16.02
C GLU A 371 -6.05 -5.85 -14.94
N MET A 372 -4.78 -5.89 -15.35
CA MET A 372 -3.68 -5.96 -14.40
C MET A 372 -3.64 -4.81 -13.40
N ASN A 373 -4.15 -3.64 -13.78
CA ASN A 373 -4.13 -2.52 -12.85
C ASN A 373 -5.02 -2.78 -11.63
N ASN A 374 -5.86 -3.81 -11.71
CA ASN A 374 -6.73 -4.17 -10.58
C ASN A 374 -6.02 -5.07 -9.59
N PHE A 375 -4.76 -5.42 -9.88
CA PHE A 375 -4.03 -6.34 -9.01
C PHE A 375 -2.88 -5.79 -8.17
N TYR A 376 -2.85 -4.47 -8.00
CA TYR A 376 -1.83 -3.84 -7.14
C TYR A 376 -2.61 -3.71 -5.84
N THR A 377 -2.84 -4.87 -5.26
CA THR A 377 -3.66 -5.07 -4.07
C THR A 377 -3.01 -5.26 -2.71
N LEU A 378 -3.85 -5.17 -1.68
CA LEU A 378 -3.44 -5.39 -0.31
C LEU A 378 -2.89 -6.81 -0.22
N THR A 379 -3.45 -7.71 -1.04
CA THR A 379 -3.02 -9.09 -1.04
C THR A 379 -1.62 -9.23 -1.64
N VAL A 380 -1.44 -8.73 -2.85
CA VAL A 380 -0.15 -8.81 -3.53
C VAL A 380 0.95 -8.08 -2.75
N TYR A 381 0.60 -6.95 -2.16
CA TYR A 381 1.54 -6.13 -1.39
C TYR A 381 1.72 -6.56 0.06
N GLU A 382 0.71 -6.29 0.88
CA GLU A 382 0.79 -6.61 2.30
C GLU A 382 0.86 -8.09 2.64
N LYS A 383 -0.03 -8.91 2.09
CA LYS A 383 0.06 -10.32 2.41
C LYS A 383 1.33 -10.85 1.75
N GLY A 384 1.67 -10.28 0.59
CA GLY A 384 2.89 -10.69 -0.09
C GLY A 384 4.08 -10.50 0.84
N ALA A 385 4.11 -9.36 1.54
CA ALA A 385 5.20 -9.07 2.47
C ALA A 385 5.16 -10.01 3.66
N GLU A 386 3.96 -10.36 4.12
CA GLU A 386 3.84 -11.28 5.25
C GLU A 386 4.41 -12.65 4.87
N VAL A 387 4.28 -13.03 3.60
CA VAL A 387 4.81 -14.30 3.15
C VAL A 387 6.34 -14.23 3.14
N ILE A 388 6.89 -13.09 2.70
CA ILE A 388 8.33 -12.93 2.71
C ILE A 388 8.81 -12.98 4.16
N ARG A 389 8.07 -12.32 5.05
CA ARG A 389 8.44 -12.29 6.47
C ARG A 389 8.39 -13.69 7.08
N MET A 390 7.48 -14.54 6.62
CA MET A 390 7.42 -15.91 7.14
C MET A 390 8.67 -16.67 6.72
N ILE A 391 9.17 -16.39 5.52
CA ILE A 391 10.40 -17.04 5.07
C ILE A 391 11.52 -16.58 5.99
N HIS A 392 11.52 -15.27 6.31
CA HIS A 392 12.53 -14.71 7.20
C HIS A 392 12.44 -15.37 8.58
N THR A 393 11.21 -15.61 9.04
CA THR A 393 10.98 -16.25 10.33
C THR A 393 11.51 -17.68 10.35
N LEU A 394 11.26 -18.41 9.25
CA LEU A 394 11.69 -19.80 9.14
C LEU A 394 13.20 -19.96 8.92
N LEU A 395 13.81 -18.99 8.26
CA LEU A 395 15.24 -19.07 7.96
C LEU A 395 16.17 -18.32 8.91
N GLY A 396 15.71 -17.20 9.45
CA GLY A 396 16.55 -16.40 10.31
C GLY A 396 17.24 -15.39 9.42
N GLU A 397 17.62 -14.25 9.97
CA GLU A 397 18.27 -13.20 9.18
C GLU A 397 19.47 -13.66 8.36
N GLU A 398 20.38 -14.41 8.98
CA GLU A 398 21.58 -14.86 8.27
C GLU A 398 21.27 -15.66 7.00
N ASN A 399 20.46 -16.72 7.14
CA ASN A 399 20.13 -17.53 5.97
C ASN A 399 19.22 -16.79 5.00
N PHE A 400 18.41 -15.86 5.51
CA PHE A 400 17.53 -15.09 4.64
C PHE A 400 18.41 -14.26 3.72
N GLN A 401 19.44 -13.63 4.27
CA GLN A 401 20.34 -12.83 3.46
C GLN A 401 21.14 -13.70 2.49
N LYS A 402 21.48 -14.92 2.91
CA LYS A 402 22.20 -15.82 2.00
C LYS A 402 21.27 -16.09 0.83
N GLY A 403 19.97 -16.20 1.11
CA GLY A 403 19.00 -16.43 0.07
C GLY A 403 18.89 -15.24 -0.86
N MET A 404 18.92 -14.03 -0.29
CA MET A 404 18.86 -12.82 -1.11
C MET A 404 20.07 -12.79 -2.03
N GLN A 405 21.23 -13.12 -1.47
CA GLN A 405 22.48 -13.14 -2.22
C GLN A 405 22.45 -14.12 -3.38
N LEU A 406 21.92 -15.31 -3.15
CA LEU A 406 21.83 -16.32 -4.19
C LEU A 406 20.82 -15.90 -5.26
N TYR A 407 19.74 -15.26 -4.81
CA TYR A 407 18.70 -14.78 -5.70
C TYR A 407 19.31 -13.79 -6.71
N PHE A 408 20.09 -12.83 -6.21
CA PHE A 408 20.71 -11.85 -7.08
C PHE A 408 21.79 -12.48 -7.97
N GLU A 409 22.57 -13.41 -7.41
CA GLU A 409 23.63 -14.05 -8.18
C GLU A 409 23.04 -14.76 -9.39
N ARG A 410 21.95 -15.47 -9.18
CA ARG A 410 21.30 -16.23 -10.25
C ARG A 410 20.46 -15.43 -11.23
N HIS A 411 19.78 -14.39 -10.73
CA HIS A 411 18.87 -13.65 -11.57
C HIS A 411 19.16 -12.19 -11.92
N ASP A 412 20.29 -11.67 -11.45
CA ASP A 412 20.67 -10.29 -11.75
C ASP A 412 20.67 -10.12 -13.27
N GLY A 413 20.01 -9.08 -13.75
CA GLY A 413 19.96 -8.81 -15.18
C GLY A 413 18.89 -9.59 -15.94
N SER A 414 17.94 -10.17 -15.21
CA SER A 414 16.88 -10.94 -15.86
C SER A 414 15.52 -10.74 -15.23
N ALA A 415 14.51 -11.37 -15.83
CA ALA A 415 13.13 -11.32 -15.35
C ALA A 415 12.94 -12.68 -14.70
N ALA A 416 12.49 -12.70 -13.45
CA ALA A 416 12.32 -13.96 -12.72
C ALA A 416 10.89 -14.23 -12.26
N THR A 417 10.72 -15.35 -11.56
CA THR A 417 9.40 -15.73 -11.06
C THR A 417 9.41 -15.88 -9.54
N CYS A 418 8.22 -15.91 -8.96
CA CYS A 418 8.09 -16.09 -7.51
C CYS A 418 8.77 -17.41 -7.15
N ASP A 419 8.57 -18.44 -7.96
CA ASP A 419 9.18 -19.72 -7.69
C ASP A 419 10.70 -19.63 -7.66
N ASP A 420 11.27 -18.80 -8.53
CA ASP A 420 12.73 -18.65 -8.57
C ASP A 420 13.22 -18.13 -7.22
N PHE A 421 12.49 -17.16 -6.67
CA PHE A 421 12.85 -16.56 -5.40
C PHE A 421 12.80 -17.59 -4.26
N VAL A 422 11.71 -18.35 -4.20
CA VAL A 422 11.59 -19.36 -3.16
C VAL A 422 12.70 -20.40 -3.30
N GLN A 423 13.00 -20.79 -4.52
CA GLN A 423 14.05 -21.77 -4.75
C GLN A 423 15.40 -21.26 -4.24
N ALA A 424 15.66 -19.97 -4.45
CA ALA A 424 16.92 -19.38 -3.99
C ALA A 424 17.00 -19.44 -2.47
N MET A 425 15.88 -19.14 -1.81
CA MET A 425 15.83 -19.16 -0.36
C MET A 425 16.04 -20.59 0.16
N GLU A 426 15.39 -21.55 -0.50
CA GLU A 426 15.52 -22.95 -0.10
C GLU A 426 16.94 -23.48 -0.30
N ASP A 427 17.52 -23.20 -1.47
CA ASP A 427 18.87 -23.67 -1.77
C ASP A 427 19.95 -23.07 -0.88
N ALA A 428 19.84 -21.78 -0.58
CA ALA A 428 20.84 -21.11 0.23
C ALA A 428 20.79 -21.50 1.71
N SER A 429 19.58 -21.78 2.21
CA SER A 429 19.39 -22.11 3.61
C SER A 429 19.29 -23.61 3.94
N ASN A 430 18.97 -24.41 2.93
CA ASN A 430 18.81 -25.84 3.10
C ASN A 430 17.54 -26.12 3.91
N VAL A 431 16.63 -25.15 3.91
CA VAL A 431 15.34 -25.28 4.59
C VAL A 431 14.33 -25.63 3.52
N ASP A 432 13.61 -26.74 3.71
CA ASP A 432 12.62 -27.18 2.73
C ASP A 432 11.40 -26.28 2.73
N LEU A 433 11.14 -25.64 1.58
CA LEU A 433 9.99 -24.75 1.45
C LEU A 433 8.98 -25.27 0.42
N SER A 434 9.02 -26.58 0.17
CA SER A 434 8.09 -27.18 -0.80
C SER A 434 6.63 -26.99 -0.37
N HIS A 435 6.34 -27.26 0.90
CA HIS A 435 4.97 -27.10 1.40
C HIS A 435 4.67 -25.60 1.51
N PHE A 436 5.67 -24.85 1.96
CA PHE A 436 5.50 -23.40 2.11
C PHE A 436 5.02 -22.74 0.83
N ARG A 437 5.45 -23.24 -0.32
CA ARG A 437 5.06 -22.69 -1.61
C ARG A 437 3.56 -22.53 -1.80
N ARG A 438 2.77 -23.32 -1.08
CA ARG A 438 1.32 -23.23 -1.22
C ARG A 438 0.80 -21.84 -0.87
N TRP A 439 1.57 -21.09 -0.09
CA TRP A 439 1.16 -19.73 0.27
C TRP A 439 1.04 -18.84 -0.98
N TYR A 440 1.73 -19.23 -2.05
CA TYR A 440 1.70 -18.46 -3.29
C TYR A 440 0.51 -18.80 -4.18
N SER A 441 -0.01 -20.02 -4.00
CA SER A 441 -1.11 -20.52 -4.83
C SER A 441 -2.51 -20.51 -4.21
N GLN A 442 -2.59 -20.39 -2.89
CA GLN A 442 -3.88 -20.42 -2.22
C GLN A 442 -4.35 -19.09 -1.66
N SER A 443 -5.59 -18.72 -1.99
CA SER A 443 -6.18 -17.48 -1.51
C SER A 443 -6.94 -17.73 -0.21
N GLY A 444 -7.45 -16.65 0.39
CA GLY A 444 -8.19 -16.79 1.63
C GLY A 444 -7.31 -16.76 2.86
N THR A 445 -7.93 -16.46 4.01
CA THR A 445 -7.22 -16.37 5.27
C THR A 445 -7.35 -17.65 6.11
N PRO A 446 -6.23 -18.28 6.47
CA PRO A 446 -6.34 -19.50 7.28
C PRO A 446 -6.85 -19.14 8.68
N ILE A 447 -7.59 -20.07 9.28
CA ILE A 447 -8.11 -19.89 10.63
C ILE A 447 -7.39 -20.92 11.47
N VAL A 448 -6.63 -20.46 12.46
CA VAL A 448 -5.89 -21.36 13.33
C VAL A 448 -6.58 -21.43 14.68
N THR A 449 -7.06 -22.63 15.03
CA THR A 449 -7.74 -22.83 16.30
C THR A 449 -6.80 -23.52 17.27
N VAL A 450 -6.70 -22.97 18.47
CA VAL A 450 -5.82 -23.53 19.49
C VAL A 450 -6.56 -23.89 20.77
N LYS A 451 -6.30 -25.09 21.26
CA LYS A 451 -6.88 -25.57 22.51
C LYS A 451 -5.67 -26.01 23.32
N ASP A 452 -5.68 -25.72 24.62
CA ASP A 452 -4.54 -26.11 25.44
C ASP A 452 -4.94 -26.91 26.66
N ASP A 453 -3.94 -27.47 27.32
CA ASP A 453 -4.17 -28.27 28.51
C ASP A 453 -2.89 -28.33 29.34
N TYR A 454 -3.03 -28.09 30.64
CA TYR A 454 -1.89 -28.18 31.53
C TYR A 454 -2.11 -29.36 32.47
N ASN A 455 -1.16 -30.29 32.45
CA ASN A 455 -1.23 -31.48 33.28
C ASN A 455 -0.29 -31.37 34.46
N PRO A 456 -0.84 -31.12 35.67
CA PRO A 456 -0.01 -30.99 36.87
C PRO A 456 0.73 -32.26 37.26
N GLU A 457 0.15 -33.41 36.93
CA GLU A 457 0.75 -34.69 37.25
C GLU A 457 2.05 -34.92 36.48
N THR A 458 2.07 -34.51 35.22
CA THR A 458 3.24 -34.69 34.37
C THR A 458 4.02 -33.41 34.11
N GLU A 459 3.49 -32.29 34.58
CA GLU A 459 4.11 -30.99 34.39
C GLU A 459 4.35 -30.74 32.90
N GLN A 460 3.34 -31.06 32.11
CA GLN A 460 3.41 -30.86 30.66
C GLN A 460 2.29 -29.96 30.20
N TYR A 461 2.60 -29.11 29.21
CA TYR A 461 1.63 -28.19 28.64
C TYR A 461 1.45 -28.66 27.20
N THR A 462 0.20 -28.89 26.80
CA THR A 462 -0.07 -29.37 25.45
C THR A 462 -0.95 -28.42 24.65
N LEU A 463 -0.50 -28.13 23.43
CA LEU A 463 -1.25 -27.27 22.53
C LEU A 463 -1.77 -28.13 21.39
N THR A 464 -3.08 -28.11 21.19
CA THR A 464 -3.69 -28.86 20.11
C THR A 464 -4.08 -27.79 19.11
N ILE A 465 -3.36 -27.75 17.99
CA ILE A 465 -3.59 -26.73 16.98
C ILE A 465 -4.20 -27.27 15.69
N SER A 466 -5.25 -26.60 15.23
CA SER A 466 -5.95 -26.97 14.01
C SER A 466 -5.93 -25.80 13.04
N GLN A 467 -6.06 -26.09 11.75
CA GLN A 467 -6.09 -25.04 10.74
C GLN A 467 -7.04 -25.42 9.62
N ARG A 468 -7.61 -24.40 9.00
CA ARG A 468 -8.50 -24.60 7.87
C ARG A 468 -8.66 -23.24 7.19
N THR A 469 -8.83 -23.27 5.87
CA THR A 469 -9.03 -22.04 5.12
C THR A 469 -10.38 -22.23 4.46
N PRO A 470 -11.34 -21.36 4.76
CA PRO A 470 -12.66 -21.51 4.13
C PRO A 470 -12.55 -21.28 2.62
N ALA A 471 -13.44 -21.92 1.87
CA ALA A 471 -13.44 -21.77 0.43
C ALA A 471 -13.65 -20.30 0.08
N THR A 472 -13.13 -19.88 -1.06
CA THR A 472 -13.27 -18.52 -1.53
C THR A 472 -13.96 -18.62 -2.90
N PRO A 473 -14.55 -17.52 -3.38
CA PRO A 473 -15.22 -17.61 -4.69
C PRO A 473 -14.33 -18.03 -5.86
N ASP A 474 -13.02 -17.86 -5.70
CA ASP A 474 -12.08 -18.22 -6.77
C ASP A 474 -11.51 -19.64 -6.65
N GLN A 475 -11.61 -20.23 -5.46
CA GLN A 475 -11.07 -21.57 -5.24
C GLN A 475 -11.98 -22.43 -4.35
N ALA A 476 -12.48 -23.53 -4.92
CA ALA A 476 -13.36 -24.44 -4.18
C ALA A 476 -12.58 -25.47 -3.38
N GLU A 477 -11.28 -25.56 -3.61
CA GLU A 477 -10.45 -26.51 -2.89
C GLU A 477 -9.39 -25.77 -2.08
N LYS A 478 -9.25 -26.14 -0.81
CA LYS A 478 -8.25 -25.53 0.06
C LYS A 478 -7.49 -26.65 0.77
N GLN A 479 -6.21 -26.40 1.02
CA GLN A 479 -5.37 -27.38 1.70
C GLN A 479 -4.59 -26.72 2.83
N PRO A 480 -4.09 -27.51 3.78
CA PRO A 480 -3.32 -26.95 4.89
C PRO A 480 -2.03 -26.29 4.41
N LEU A 481 -1.61 -25.24 5.11
CA LEU A 481 -0.40 -24.52 4.76
C LEU A 481 0.68 -24.76 5.80
N HIS A 482 1.91 -24.34 5.48
CA HIS A 482 3.01 -24.46 6.42
C HIS A 482 2.96 -23.14 7.19
N ILE A 483 2.40 -23.20 8.38
CA ILE A 483 2.23 -22.02 9.22
C ILE A 483 3.24 -21.87 10.34
N PRO A 484 4.11 -20.85 10.28
CA PRO A 484 5.09 -20.64 11.34
C PRO A 484 4.28 -20.05 12.50
N PHE A 485 4.16 -20.80 13.59
CA PHE A 485 3.35 -20.38 14.73
C PHE A 485 4.21 -20.12 15.96
N ALA A 486 4.59 -18.86 16.17
CA ALA A 486 5.44 -18.48 17.28
C ALA A 486 4.70 -18.38 18.61
N ILE A 487 5.31 -18.91 19.66
CA ILE A 487 4.70 -18.86 20.99
C ILE A 487 5.72 -18.53 22.06
N GLU A 488 5.21 -18.24 23.26
CA GLU A 488 6.05 -17.95 24.41
C GLU A 488 5.17 -18.25 25.62
N LEU A 489 5.74 -18.92 26.61
CA LEU A 489 5.00 -19.27 27.83
C LEU A 489 5.51 -18.47 29.03
N TYR A 490 4.59 -17.98 29.85
CA TYR A 490 4.95 -17.19 31.02
C TYR A 490 4.47 -17.79 32.33
N ASP A 491 5.29 -17.71 33.38
CA ASP A 491 4.87 -18.22 34.68
C ASP A 491 4.08 -17.08 35.33
N ASN A 492 3.55 -17.30 36.53
CA ASN A 492 2.75 -16.27 37.19
C ASN A 492 3.50 -15.00 37.56
N GLU A 493 4.83 -15.02 37.44
CA GLU A 493 5.64 -13.84 37.74
C GLU A 493 5.95 -13.07 36.47
N GLY A 494 5.57 -13.63 35.33
CA GLY A 494 5.83 -12.97 34.06
C GLY A 494 7.15 -13.39 33.47
N LYS A 495 7.76 -14.42 34.04
CA LYS A 495 9.05 -14.92 33.56
C LYS A 495 8.82 -15.96 32.46
N VAL A 496 9.69 -15.93 31.45
CA VAL A 496 9.57 -16.87 30.34
C VAL A 496 9.92 -18.30 30.79
N ILE A 497 9.10 -19.25 30.37
CA ILE A 497 9.30 -20.65 30.69
C ILE A 497 10.02 -21.33 29.52
N PRO A 498 11.22 -21.87 29.76
CA PRO A 498 11.98 -22.53 28.69
C PRO A 498 11.18 -23.61 27.99
N LEU A 499 11.12 -23.55 26.67
CA LEU A 499 10.38 -24.54 25.89
C LEU A 499 11.30 -25.74 25.63
N GLN A 500 10.84 -26.91 26.03
CA GLN A 500 11.64 -28.12 25.84
C GLN A 500 10.76 -29.36 25.85
N LYS A 501 11.34 -30.48 25.42
CA LYS A 501 10.63 -31.75 25.37
C LYS A 501 11.64 -32.88 25.29
N GLY A 502 11.44 -33.91 26.11
CA GLY A 502 12.34 -35.05 26.12
C GLY A 502 13.79 -34.71 26.43
N GLY A 503 13.99 -33.61 27.16
CA GLY A 503 15.33 -33.21 27.52
C GLY A 503 16.04 -32.39 26.45
N HIS A 504 15.30 -32.00 25.42
CA HIS A 504 15.86 -31.21 24.33
C HIS A 504 15.07 -29.92 24.14
N PRO A 505 15.76 -28.80 23.92
CA PRO A 505 15.08 -27.52 23.73
C PRO A 505 14.23 -27.56 22.47
N VAL A 506 13.13 -26.81 22.47
CA VAL A 506 12.24 -26.75 21.31
C VAL A 506 12.15 -25.32 20.81
N ASN A 507 12.22 -25.14 19.50
CA ASN A 507 12.15 -23.81 18.90
C ASN A 507 10.79 -23.20 19.17
N SER A 508 10.76 -21.92 19.51
CA SER A 508 9.51 -21.23 19.81
C SER A 508 8.59 -21.08 18.59
N VAL A 509 9.16 -21.24 17.39
CA VAL A 509 8.37 -21.14 16.17
C VAL A 509 7.90 -22.56 15.81
N LEU A 510 6.64 -22.85 16.11
CA LEU A 510 6.09 -24.18 15.83
C LEU A 510 5.71 -24.31 14.37
N ASN A 511 5.95 -25.49 13.80
CA ASN A 511 5.59 -25.73 12.41
C ASN A 511 4.20 -26.35 12.33
N VAL A 512 3.19 -25.51 12.15
CA VAL A 512 1.82 -25.96 12.03
C VAL A 512 1.61 -26.27 10.54
N THR A 513 1.77 -27.54 10.20
CA THR A 513 1.67 -27.99 8.81
C THR A 513 0.50 -28.91 8.50
N GLN A 514 -0.16 -29.43 9.53
CA GLN A 514 -1.28 -30.35 9.34
C GLN A 514 -2.62 -29.72 9.67
N ALA A 515 -3.70 -30.42 9.31
CA ALA A 515 -5.05 -29.96 9.60
C ALA A 515 -5.19 -29.90 11.12
N GLU A 516 -4.56 -30.85 11.80
CA GLU A 516 -4.58 -30.91 13.25
C GLU A 516 -3.32 -31.58 13.76
N GLN A 517 -2.79 -31.06 14.86
CA GLN A 517 -1.58 -31.61 15.46
C GLN A 517 -1.44 -31.14 16.89
N THR A 518 -0.66 -31.87 17.67
CA THR A 518 -0.44 -31.51 19.07
C THR A 518 1.03 -31.22 19.28
N PHE A 519 1.31 -30.30 20.19
CA PHE A 519 2.67 -29.91 20.54
C PHE A 519 2.77 -30.03 22.04
N VAL A 520 3.65 -30.91 22.51
CA VAL A 520 3.83 -31.13 23.94
C VAL A 520 5.12 -30.53 24.47
N PHE A 521 5.02 -29.89 25.62
CA PHE A 521 6.16 -29.27 26.27
C PHE A 521 6.23 -29.76 27.71
N ASP A 522 7.38 -30.29 28.12
CA ASP A 522 7.50 -30.77 29.49
C ASP A 522 8.34 -29.80 30.32
N ASN A 523 8.56 -30.14 31.58
CA ASN A 523 9.33 -29.27 32.47
C ASN A 523 8.64 -27.92 32.60
N VAL A 524 7.31 -27.95 32.56
CA VAL A 524 6.49 -26.76 32.73
C VAL A 524 5.99 -26.92 34.16
N TYR A 525 6.81 -26.46 35.10
CA TYR A 525 6.52 -26.58 36.53
C TYR A 525 5.25 -25.93 37.04
N PHE A 526 4.77 -24.89 36.37
CA PHE A 526 3.55 -24.22 36.79
C PHE A 526 2.68 -23.85 35.60
N GLN A 527 1.38 -23.76 35.81
CA GLN A 527 0.45 -23.43 34.74
C GLN A 527 0.89 -22.15 34.06
N PRO A 528 1.10 -22.20 32.74
CA PRO A 528 1.53 -21.01 32.02
C PRO A 528 0.42 -20.19 31.37
N VAL A 529 0.77 -18.94 31.05
CA VAL A 529 -0.13 -18.05 30.33
C VAL A 529 0.60 -17.97 29.01
N PRO A 530 -0.05 -18.38 27.91
CA PRO A 530 0.61 -18.33 26.62
C PRO A 530 0.45 -17.05 25.83
N ALA A 531 1.44 -16.77 25.01
CA ALA A 531 1.42 -15.64 24.08
C ALA A 531 1.43 -16.45 22.79
N LEU A 532 0.38 -16.30 21.98
CA LEU A 532 0.27 -17.08 20.75
C LEU A 532 0.38 -16.24 19.49
N LEU A 533 0.92 -16.84 18.43
CA LEU A 533 1.11 -16.16 17.16
C LEU A 533 1.89 -14.87 17.39
N CYS A 534 2.99 -14.97 18.13
CA CYS A 534 3.82 -13.83 18.46
C CYS A 534 4.27 -13.03 17.23
N GLU A 535 4.19 -11.70 17.36
CA GLU A 535 4.55 -10.78 16.30
C GLU A 535 3.77 -11.08 15.01
N PHE A 536 2.59 -11.69 15.16
CA PHE A 536 1.74 -12.04 14.01
C PHE A 536 2.63 -12.86 13.07
N SER A 537 3.14 -13.97 13.59
CA SER A 537 4.07 -14.84 12.85
C SER A 537 3.57 -15.44 11.54
N ALA A 538 2.26 -15.41 11.33
CA ALA A 538 1.67 -15.91 10.10
C ALA A 538 0.39 -15.10 9.89
N PRO A 539 0.03 -14.83 8.62
CA PRO A 539 -1.19 -14.06 8.32
C PRO A 539 -2.44 -14.91 8.44
N VAL A 540 -2.82 -15.18 9.69
CA VAL A 540 -3.97 -16.01 9.97
C VAL A 540 -4.85 -15.43 11.06
N LYS A 541 -6.06 -15.98 11.19
CA LYS A 541 -7.00 -15.57 12.21
C LYS A 541 -6.81 -16.57 13.35
N LEU A 542 -6.59 -16.07 14.56
CA LEU A 542 -6.39 -16.95 15.71
C LEU A 542 -7.65 -17.13 16.52
N GLU A 543 -7.98 -18.38 16.81
CA GLU A 543 -9.14 -18.71 17.62
C GLU A 543 -8.68 -19.46 18.88
N TYR A 544 -8.66 -18.75 19.99
CA TYR A 544 -8.26 -19.31 21.27
C TYR A 544 -9.18 -18.70 22.31
N LYS A 545 -9.69 -19.50 23.23
CA LYS A 545 -10.61 -19.02 24.25
C LYS A 545 -9.92 -18.32 25.42
N TRP A 546 -9.46 -17.10 25.16
CA TRP A 546 -8.78 -16.30 26.17
C TRP A 546 -9.72 -15.92 27.31
N SER A 547 -9.16 -15.78 28.50
CA SER A 547 -9.94 -15.32 29.64
C SER A 547 -9.47 -13.86 29.69
N ASP A 548 -10.29 -12.97 30.21
CA ASP A 548 -9.89 -11.57 30.29
C ASP A 548 -8.60 -11.40 31.08
N GLN A 549 -8.46 -12.21 32.12
CA GLN A 549 -7.28 -12.15 32.98
C GLN A 549 -5.99 -12.55 32.28
N GLN A 550 -6.06 -13.51 31.38
CA GLN A 550 -4.87 -13.93 30.64
C GLN A 550 -4.40 -12.74 29.80
N LEU A 551 -5.37 -12.08 29.17
CA LEU A 551 -5.08 -10.93 28.32
C LEU A 551 -4.52 -9.73 29.08
N THR A 552 -5.09 -9.39 30.23
CA THR A 552 -4.57 -8.26 30.98
C THR A 552 -3.20 -8.61 31.54
N PHE A 553 -2.99 -9.90 31.79
CA PHE A 553 -1.70 -10.39 32.30
C PHE A 553 -0.66 -10.11 31.22
N LEU A 554 -0.98 -10.47 29.98
CA LEU A 554 -0.06 -10.26 28.87
C LEU A 554 0.19 -8.78 28.64
N MET A 555 -0.84 -7.96 28.84
CA MET A 555 -0.70 -6.52 28.65
C MET A 555 0.33 -5.95 29.61
N ARG A 556 0.52 -6.60 30.76
CA ARG A 556 1.47 -6.11 31.74
C ARG A 556 2.79 -6.88 31.79
N HIS A 557 2.82 -8.09 31.25
CA HIS A 557 4.04 -8.90 31.30
C HIS A 557 4.68 -9.37 30.00
N ALA A 558 3.93 -9.39 28.90
CA ALA A 558 4.49 -9.86 27.63
C ALA A 558 5.81 -9.19 27.31
N ARG A 559 6.80 -9.99 26.90
CA ARG A 559 8.13 -9.49 26.58
C ARG A 559 8.19 -8.58 25.36
N ASN A 560 7.51 -8.95 24.28
CA ASN A 560 7.51 -8.12 23.07
C ASN A 560 6.36 -7.13 23.14
N ASP A 561 6.64 -5.86 22.85
CA ASP A 561 5.63 -4.83 22.89
C ASP A 561 4.43 -5.15 22.00
N PHE A 562 4.66 -5.86 20.90
CA PHE A 562 3.56 -6.20 20.02
C PHE A 562 2.53 -7.08 20.74
N SER A 563 3.02 -8.02 21.54
CA SER A 563 2.15 -8.92 22.28
C SER A 563 1.22 -8.19 23.23
N ARG A 564 1.73 -7.13 23.85
CA ARG A 564 0.94 -6.36 24.78
C ARG A 564 -0.18 -5.65 24.04
N TRP A 565 0.12 -5.10 22.87
CA TRP A 565 -0.89 -4.42 22.06
C TRP A 565 -1.91 -5.46 21.57
N ASP A 566 -1.41 -6.58 21.09
CA ASP A 566 -2.25 -7.66 20.56
C ASP A 566 -3.22 -8.17 21.63
N ALA A 567 -2.74 -8.32 22.85
CA ALA A 567 -3.57 -8.79 23.95
C ALA A 567 -4.71 -7.80 24.19
N ALA A 568 -4.39 -6.51 24.11
CA ALA A 568 -5.40 -5.48 24.29
C ALA A 568 -6.45 -5.56 23.19
N GLN A 569 -6.02 -5.90 21.98
CA GLN A 569 -6.96 -6.00 20.86
C GLN A 569 -7.92 -7.16 21.08
N SER A 570 -7.41 -8.27 21.60
CA SER A 570 -8.26 -9.43 21.88
C SER A 570 -9.24 -9.10 22.99
N LEU A 571 -8.79 -8.33 23.96
CA LEU A 571 -9.63 -7.95 25.09
C LEU A 571 -10.77 -7.06 24.59
N LEU A 572 -10.44 -6.08 23.74
CA LEU A 572 -11.44 -5.18 23.20
C LEU A 572 -12.42 -5.87 22.26
N ALA A 573 -11.93 -6.82 21.46
CA ALA A 573 -12.77 -7.54 20.52
C ALA A 573 -14.02 -8.13 21.20
N THR A 574 -13.81 -8.76 22.34
CA THR A 574 -14.93 -9.36 23.08
C THR A 574 -16.03 -8.34 23.37
N TYR A 575 -15.62 -7.16 23.81
CA TYR A 575 -16.59 -6.14 24.16
C TYR A 575 -17.12 -5.31 23.00
N ILE A 576 -16.38 -5.30 21.89
CA ILE A 576 -16.86 -4.59 20.71
C ILE A 576 -18.01 -5.45 20.18
N LYS A 577 -17.79 -6.77 20.17
CA LYS A 577 -18.83 -7.68 19.69
C LYS A 577 -20.04 -7.65 20.63
N LEU A 578 -19.79 -7.65 21.93
CA LEU A 578 -20.88 -7.60 22.90
C LEU A 578 -21.75 -6.37 22.68
N ASN A 579 -21.12 -5.22 22.54
CA ASN A 579 -21.86 -3.98 22.39
C ASN A 579 -22.52 -3.71 21.04
N VAL A 580 -22.02 -4.34 19.99
CA VAL A 580 -22.65 -4.16 18.69
C VAL A 580 -23.97 -4.93 18.77
N ALA A 581 -23.94 -6.09 19.42
CA ALA A 581 -25.15 -6.90 19.58
C ALA A 581 -26.16 -6.13 20.43
N ARG A 582 -25.66 -5.44 21.45
CA ARG A 582 -26.54 -4.66 22.32
C ARG A 582 -27.12 -3.49 21.54
N HIS A 583 -26.30 -2.85 20.71
CA HIS A 583 -26.76 -1.73 19.92
C HIS A 583 -27.94 -2.12 19.03
N GLN A 584 -27.84 -3.31 18.44
CA GLN A 584 -28.89 -3.80 17.56
C GLN A 584 -30.19 -4.09 18.30
N GLN A 585 -30.11 -4.12 19.63
CA GLN A 585 -31.30 -4.36 20.44
C GLN A 585 -31.67 -3.11 21.24
N GLY A 586 -31.10 -1.98 20.84
CA GLY A 586 -31.38 -0.71 21.48
C GLY A 586 -30.82 -0.54 22.88
N GLN A 587 -29.82 -1.35 23.23
CA GLN A 587 -29.22 -1.29 24.56
C GLN A 587 -27.89 -0.53 24.55
N PRO A 588 -27.62 0.25 25.61
CA PRO A 588 -26.40 1.05 25.76
C PRO A 588 -25.15 0.24 26.05
N LEU A 589 -24.00 0.88 25.92
CA LEU A 589 -22.71 0.23 26.15
C LEU A 589 -22.58 -0.38 27.54
N SER A 590 -21.97 -1.56 27.59
CA SER A 590 -21.72 -2.27 28.84
C SER A 590 -20.25 -2.70 28.80
N LEU A 591 -19.51 -2.36 29.84
CA LEU A 591 -18.08 -2.69 29.89
C LEU A 591 -17.69 -3.01 31.33
N PRO A 592 -17.07 -4.19 31.56
CA PRO A 592 -16.66 -4.55 32.92
C PRO A 592 -15.64 -3.57 33.47
N VAL A 593 -15.70 -3.35 34.78
CA VAL A 593 -14.77 -2.44 35.43
C VAL A 593 -13.32 -2.85 35.19
N HIS A 594 -13.03 -4.14 35.28
CA HIS A 594 -11.66 -4.59 35.10
C HIS A 594 -11.10 -4.31 33.72
N VAL A 595 -11.97 -4.10 32.74
CA VAL A 595 -11.51 -3.79 31.39
C VAL A 595 -11.03 -2.34 31.34
N ALA A 596 -11.82 -1.44 31.94
CA ALA A 596 -11.43 -0.04 31.97
C ALA A 596 -10.14 0.09 32.79
N ASP A 597 -10.00 -0.73 33.82
CA ASP A 597 -8.81 -0.67 34.66
C ASP A 597 -7.55 -1.04 33.89
N ALA A 598 -7.67 -1.96 32.93
CA ALA A 598 -6.52 -2.38 32.15
C ALA A 598 -5.92 -1.20 31.38
N PHE A 599 -6.79 -0.36 30.82
CA PHE A 599 -6.33 0.81 30.08
C PHE A 599 -5.87 1.91 31.00
N ARG A 600 -6.43 1.96 32.21
CA ARG A 600 -6.01 2.96 33.17
C ARG A 600 -4.57 2.61 33.54
N ALA A 601 -4.31 1.31 33.68
CA ALA A 601 -2.98 0.83 34.03
C ALA A 601 -1.95 1.20 32.97
N VAL A 602 -2.36 1.13 31.71
CA VAL A 602 -1.47 1.47 30.60
C VAL A 602 -1.09 2.95 30.69
N LEU A 603 -2.07 3.78 30.99
CA LEU A 603 -1.86 5.22 31.12
C LEU A 603 -0.89 5.57 32.25
N LEU A 604 -1.04 4.88 33.38
CA LEU A 604 -0.21 5.16 34.54
C LEU A 604 1.10 4.39 34.63
N ASP A 605 1.36 3.51 33.67
CA ASP A 605 2.60 2.73 33.68
C ASP A 605 3.75 3.60 33.17
N GLU A 606 4.64 3.99 34.08
CA GLU A 606 5.78 4.82 33.71
C GLU A 606 6.89 4.07 32.98
N LYS A 607 6.85 2.74 33.02
CA LYS A 607 7.87 1.93 32.37
C LYS A 607 7.56 1.59 30.92
N ILE A 608 6.30 1.76 30.52
CA ILE A 608 5.90 1.45 29.16
C ILE A 608 6.34 2.52 28.16
N ASP A 609 6.77 2.07 26.99
CA ASP A 609 7.21 2.96 25.91
C ASP A 609 6.01 3.80 25.46
N PRO A 610 6.15 5.14 25.43
CA PRO A 610 5.04 5.98 25.00
C PRO A 610 4.52 5.55 23.63
N ALA A 611 5.42 5.05 22.79
CA ALA A 611 5.06 4.60 21.46
C ALA A 611 4.03 3.48 21.54
N LEU A 612 4.26 2.54 22.45
CA LEU A 612 3.35 1.41 22.63
C LEU A 612 2.05 1.85 23.29
N ALA A 613 2.16 2.65 24.34
CA ALA A 613 0.97 3.13 25.05
C ALA A 613 0.03 3.83 24.08
N ALA A 614 0.58 4.65 23.20
CA ALA A 614 -0.21 5.39 22.23
C ALA A 614 -1.05 4.47 21.34
N GLU A 615 -0.45 3.37 20.89
CA GLU A 615 -1.16 2.43 20.03
C GLU A 615 -2.23 1.65 20.79
N ILE A 616 -1.92 1.27 22.03
CA ILE A 616 -2.90 0.54 22.84
C ILE A 616 -4.10 1.45 23.10
N LEU A 617 -3.83 2.75 23.23
CA LEU A 617 -4.89 3.73 23.48
C LEU A 617 -5.54 4.24 22.19
N THR A 618 -5.24 3.58 21.07
CA THR A 618 -5.84 3.95 19.80
C THR A 618 -6.78 2.80 19.46
N LEU A 619 -8.08 3.05 19.56
CA LEU A 619 -9.07 2.01 19.31
C LEU A 619 -9.06 1.55 17.85
N PRO A 620 -9.41 0.28 17.62
CA PRO A 620 -9.44 -0.23 16.24
C PRO A 620 -10.39 0.61 15.40
N SER A 621 -10.05 0.81 14.13
CA SER A 621 -10.87 1.61 13.22
C SER A 621 -12.17 0.88 12.93
N VAL A 622 -13.13 1.59 12.32
CA VAL A 622 -14.40 0.95 11.99
C VAL A 622 -14.20 -0.19 11.00
N ASN A 623 -13.18 -0.08 10.15
CA ASN A 623 -12.94 -1.16 9.20
C ASN A 623 -12.30 -2.35 9.91
N GLU A 624 -11.48 -2.08 10.92
CA GLU A 624 -10.87 -3.17 11.70
C GLU A 624 -11.98 -3.88 12.46
N MET A 625 -12.89 -3.09 13.03
CA MET A 625 -14.00 -3.66 13.80
C MET A 625 -14.92 -4.51 12.93
N ALA A 626 -15.11 -4.09 11.68
CA ALA A 626 -15.99 -4.82 10.77
C ALA A 626 -15.56 -6.27 10.57
N GLU A 627 -14.27 -6.54 10.65
CA GLU A 627 -13.79 -7.89 10.44
C GLU A 627 -14.05 -8.85 11.59
N LEU A 628 -14.61 -8.34 12.67
CA LEU A 628 -14.92 -9.19 13.82
C LEU A 628 -16.31 -9.80 13.61
N PHE A 629 -17.00 -9.36 12.55
CA PHE A 629 -18.36 -9.82 12.29
C PHE A 629 -18.58 -10.53 10.95
N ASP A 630 -19.52 -11.47 10.93
CA ASP A 630 -19.84 -12.20 9.71
C ASP A 630 -20.65 -11.24 8.84
N ILE A 631 -21.67 -10.63 9.44
CA ILE A 631 -22.50 -9.66 8.74
C ILE A 631 -22.21 -8.31 9.37
N ILE A 632 -21.73 -7.38 8.55
CA ILE A 632 -21.37 -6.05 9.03
C ILE A 632 -22.55 -5.10 9.21
N ASP A 633 -22.63 -4.50 10.39
CA ASP A 633 -23.65 -3.50 10.68
C ASP A 633 -22.80 -2.25 10.90
N PRO A 634 -22.57 -1.48 9.84
CA PRO A 634 -21.77 -0.26 9.90
C PRO A 634 -22.23 0.83 10.84
N ILE A 635 -23.53 0.98 11.01
CA ILE A 635 -24.04 2.01 11.91
C ILE A 635 -23.78 1.58 13.35
N ALA A 636 -24.06 0.33 13.68
CA ALA A 636 -23.83 -0.17 15.04
C ALA A 636 -22.35 -0.05 15.37
N ILE A 637 -21.49 -0.42 14.42
CA ILE A 637 -20.05 -0.34 14.65
C ILE A 637 -19.60 1.09 14.92
N ALA A 638 -20.04 2.03 14.09
CA ALA A 638 -19.65 3.42 14.26
C ALA A 638 -20.12 3.99 15.59
N GLU A 639 -21.37 3.73 15.95
CA GLU A 639 -21.90 4.25 17.19
C GLU A 639 -21.30 3.60 18.42
N VAL A 640 -20.97 2.31 18.31
CA VAL A 640 -20.34 1.62 19.43
C VAL A 640 -18.92 2.15 19.62
N ARG A 641 -18.23 2.43 18.51
CA ARG A 641 -16.88 2.95 18.62
C ARG A 641 -16.89 4.28 19.37
N GLU A 642 -17.86 5.13 19.06
CA GLU A 642 -17.97 6.41 19.74
C GLU A 642 -18.36 6.21 21.20
N ALA A 643 -19.31 5.30 21.43
CA ALA A 643 -19.76 5.04 22.80
C ALA A 643 -18.60 4.51 23.65
N LEU A 644 -17.76 3.67 23.06
CA LEU A 644 -16.62 3.12 23.78
C LEU A 644 -15.64 4.24 24.11
N THR A 645 -15.47 5.16 23.16
CA THR A 645 -14.57 6.29 23.34
C THR A 645 -15.09 7.18 24.47
N ARG A 646 -16.39 7.43 24.47
CA ARG A 646 -17.02 8.27 25.51
C ARG A 646 -16.90 7.65 26.89
N THR A 647 -17.12 6.33 26.98
CA THR A 647 -17.04 5.65 28.26
C THR A 647 -15.63 5.68 28.83
N LEU A 648 -14.63 5.41 27.98
CA LEU A 648 -13.25 5.44 28.45
C LEU A 648 -12.84 6.86 28.80
N ALA A 649 -13.38 7.83 28.07
CA ALA A 649 -13.08 9.24 28.34
C ALA A 649 -13.60 9.64 29.72
N THR A 650 -14.78 9.13 30.06
CA THR A 650 -15.39 9.43 31.36
C THR A 650 -14.67 8.72 32.50
N GLU A 651 -14.43 7.43 32.33
CA GLU A 651 -13.78 6.63 33.37
C GLU A 651 -12.30 6.99 33.59
N LEU A 652 -11.64 7.50 32.55
CA LEU A 652 -10.22 7.84 32.66
C LEU A 652 -9.93 9.33 32.51
N ALA A 653 -10.94 10.16 32.70
CA ALA A 653 -10.80 11.61 32.55
C ALA A 653 -9.56 12.22 33.18
N ASP A 654 -9.34 11.98 34.46
CA ASP A 654 -8.19 12.55 35.15
C ASP A 654 -6.85 12.04 34.63
N GLU A 655 -6.75 10.72 34.46
CA GLU A 655 -5.52 10.12 33.97
C GLU A 655 -5.18 10.59 32.55
N LEU A 656 -6.20 10.70 31.71
CA LEU A 656 -6.00 11.15 30.34
C LEU A 656 -5.44 12.57 30.28
N LEU A 657 -5.98 13.46 31.09
CA LEU A 657 -5.52 14.84 31.11
C LEU A 657 -4.09 14.91 31.65
N ALA A 658 -3.78 14.10 32.66
CA ALA A 658 -2.44 14.09 33.26
C ALA A 658 -1.39 13.67 32.23
N ILE A 659 -1.70 12.62 31.48
CA ILE A 659 -0.76 12.13 30.47
C ILE A 659 -0.68 13.09 29.29
N TYR A 660 -1.80 13.71 28.95
CA TYR A 660 -1.85 14.68 27.87
C TYR A 660 -0.86 15.82 28.22
N ASN A 661 -0.97 16.35 29.43
CA ASN A 661 -0.09 17.44 29.86
C ASN A 661 1.36 17.01 30.01
N ALA A 662 1.57 15.81 30.54
CA ALA A 662 2.93 15.30 30.76
C ALA A 662 3.73 15.12 29.48
N ASN A 663 3.04 14.94 28.36
CA ASN A 663 3.73 14.72 27.08
C ASN A 663 3.80 15.95 26.20
N TYR A 664 3.53 17.12 26.76
CA TYR A 664 3.62 18.36 26.02
C TYR A 664 5.09 18.59 25.63
N GLN A 665 5.30 19.04 24.40
CA GLN A 665 6.66 19.32 23.90
C GLN A 665 6.64 20.68 23.22
N SER A 666 7.48 21.60 23.71
CA SER A 666 7.53 22.94 23.13
C SER A 666 8.23 22.92 21.78
N GLU A 667 9.31 22.15 21.68
CA GLU A 667 10.06 22.02 20.44
C GLU A 667 9.41 20.96 19.56
N TYR A 668 9.34 21.21 18.26
CA TYR A 668 8.78 20.21 17.34
C TYR A 668 9.95 19.55 16.61
N ARG A 669 10.03 18.23 16.71
CA ARG A 669 11.09 17.48 16.07
C ARG A 669 10.53 16.24 15.38
N VAL A 670 11.03 15.97 14.17
CA VAL A 670 10.63 14.77 13.45
C VAL A 670 11.67 13.74 13.86
N GLU A 671 11.57 13.33 15.13
CA GLU A 671 12.45 12.35 15.74
C GLU A 671 11.55 11.36 16.46
N HIS A 672 11.87 10.08 16.35
CA HIS A 672 11.03 9.03 16.91
C HIS A 672 10.61 9.14 18.36
N GLU A 673 11.50 9.56 19.25
CA GLU A 673 11.09 9.69 20.65
C GLU A 673 10.04 10.77 20.79
N ASP A 674 10.23 11.89 20.08
CA ASP A 674 9.28 13.00 20.11
C ASP A 674 7.96 12.62 19.46
N ILE A 675 8.05 11.88 18.36
CA ILE A 675 6.84 11.44 17.65
C ILE A 675 6.01 10.54 18.56
N ALA A 676 6.68 9.68 19.32
CA ALA A 676 5.98 8.76 20.22
C ALA A 676 5.21 9.52 21.29
N LYS A 677 5.87 10.48 21.93
CA LYS A 677 5.21 11.27 22.98
C LYS A 677 4.03 12.05 22.41
N ARG A 678 4.21 12.60 21.22
CA ARG A 678 3.16 13.37 20.57
C ARG A 678 1.99 12.47 20.18
N THR A 679 2.30 11.27 19.72
CA THR A 679 1.24 10.33 19.32
C THR A 679 0.44 9.94 20.57
N LEU A 680 1.13 9.78 21.70
CA LEU A 680 0.46 9.42 22.95
C LEU A 680 -0.39 10.60 23.43
N ARG A 681 0.18 11.81 23.36
CA ARG A 681 -0.55 12.99 23.78
C ARG A 681 -1.84 13.13 22.96
N ASN A 682 -1.73 12.95 21.64
CA ASN A 682 -2.91 13.08 20.80
C ASN A 682 -3.86 11.90 20.90
N ALA A 683 -3.37 10.75 21.36
CA ALA A 683 -4.22 9.59 21.54
C ALA A 683 -5.13 9.95 22.72
N CYS A 684 -4.55 10.60 23.72
CA CYS A 684 -5.31 11.04 24.89
C CYS A 684 -6.31 12.11 24.49
N LEU A 685 -5.89 13.00 23.59
CA LEU A 685 -6.77 14.07 23.12
C LEU A 685 -8.05 13.52 22.51
N ARG A 686 -7.96 12.40 21.80
CA ARG A 686 -9.15 11.82 21.17
C ARG A 686 -10.23 11.55 22.20
N PHE A 687 -9.83 11.07 23.37
CA PHE A 687 -10.77 10.77 24.46
C PHE A 687 -11.22 12.05 25.15
N LEU A 688 -10.27 12.94 25.43
CA LEU A 688 -10.58 14.20 26.11
C LEU A 688 -11.58 15.02 25.31
N ALA A 689 -11.62 14.80 24.00
CA ALA A 689 -12.55 15.53 23.14
C ALA A 689 -13.99 15.17 23.47
N PHE A 690 -14.16 14.03 24.13
CA PHE A 690 -15.50 13.56 24.52
C PHE A 690 -15.80 13.79 26.00
N GLY A 691 -15.04 14.67 26.62
CA GLY A 691 -15.27 14.97 28.03
C GLY A 691 -16.38 16.02 28.12
N GLU A 692 -16.52 16.65 29.28
CA GLU A 692 -17.54 17.68 29.45
C GLU A 692 -17.39 18.67 28.30
N THR A 693 -18.47 18.86 27.55
CA THR A 693 -18.49 19.75 26.39
C THR A 693 -17.64 21.01 26.45
N HIS A 694 -17.90 21.88 27.41
CA HIS A 694 -17.14 23.12 27.53
C HIS A 694 -15.65 22.86 27.75
N LEU A 695 -15.34 21.96 28.67
CA LEU A 695 -13.96 21.62 28.99
C LEU A 695 -13.26 21.10 27.74
N ALA A 696 -13.94 20.20 27.02
CA ALA A 696 -13.38 19.62 25.80
C ALA A 696 -13.21 20.66 24.70
N ASP A 697 -14.22 21.50 24.54
CA ASP A 697 -14.19 22.54 23.51
C ASP A 697 -13.01 23.47 23.70
N VAL A 698 -12.76 23.87 24.95
CA VAL A 698 -11.65 24.76 25.26
C VAL A 698 -10.30 24.10 24.98
N LEU A 699 -10.15 22.86 25.44
CA LEU A 699 -8.91 22.13 25.25
C LEU A 699 -8.56 21.93 23.79
N VAL A 700 -9.56 21.54 22.99
CA VAL A 700 -9.36 21.31 21.56
C VAL A 700 -9.04 22.57 20.77
N SER A 701 -9.84 23.61 20.95
CA SER A 701 -9.62 24.86 20.23
C SER A 701 -8.25 25.43 20.60
N LYS A 702 -7.87 25.27 21.86
CA LYS A 702 -6.59 25.75 22.35
C LYS A 702 -5.43 25.07 21.61
N GLN A 703 -5.50 23.75 21.48
CA GLN A 703 -4.42 23.04 20.80
C GLN A 703 -4.35 23.43 19.32
N PHE A 704 -5.50 23.62 18.69
CA PHE A 704 -5.52 24.00 17.28
C PHE A 704 -4.84 25.34 17.07
N HIS A 705 -5.18 26.31 17.93
CA HIS A 705 -4.61 27.64 17.81
C HIS A 705 -3.16 27.79 18.31
N GLU A 706 -2.77 27.00 19.31
CA GLU A 706 -1.41 27.09 19.84
C GLU A 706 -0.41 26.15 19.17
N ALA A 707 -0.92 25.21 18.37
CA ALA A 707 -0.05 24.25 17.68
C ALA A 707 1.05 24.94 16.87
N ASN A 708 2.27 24.40 16.95
CA ASN A 708 3.38 24.96 16.19
C ASN A 708 3.85 23.94 15.14
N ASN A 709 2.93 23.07 14.75
CA ASN A 709 3.18 22.04 13.73
C ASN A 709 1.83 21.48 13.28
N MET A 710 1.78 20.95 12.06
CA MET A 710 0.53 20.41 11.53
C MET A 710 0.00 19.16 12.22
N THR A 711 0.89 18.38 12.83
CA THR A 711 0.46 17.17 13.53
C THR A 711 -0.51 17.53 14.64
N ASP A 712 -0.13 18.47 15.50
CA ASP A 712 -0.98 18.86 16.61
C ASP A 712 -2.21 19.65 16.16
N ALA A 713 -2.06 20.45 15.10
CA ALA A 713 -3.18 21.23 14.60
C ALA A 713 -4.25 20.30 14.02
N LEU A 714 -3.82 19.34 13.21
CA LEU A 714 -4.76 18.40 12.61
C LEU A 714 -5.40 17.48 13.65
N ALA A 715 -4.64 17.12 14.68
CA ALA A 715 -5.17 16.25 15.72
C ALA A 715 -6.33 16.96 16.41
N ALA A 716 -6.16 18.26 16.66
CA ALA A 716 -7.20 19.06 17.30
C ALA A 716 -8.40 19.21 16.38
N LEU A 717 -8.16 19.54 15.12
CA LEU A 717 -9.24 19.70 14.16
C LEU A 717 -10.03 18.41 14.01
N SER A 718 -9.33 17.29 13.96
CA SER A 718 -9.97 15.98 13.82
C SER A 718 -10.86 15.68 15.02
N ALA A 719 -10.41 16.06 16.21
CA ALA A 719 -11.16 15.83 17.44
C ALA A 719 -12.42 16.67 17.46
N ALA A 720 -12.32 17.91 16.99
CA ALA A 720 -13.47 18.81 16.94
C ALA A 720 -14.55 18.21 16.04
N VAL A 721 -14.12 17.62 14.92
CA VAL A 721 -15.07 16.99 13.99
C VAL A 721 -15.63 15.70 14.57
N ALA A 722 -14.76 14.88 15.14
CA ALA A 722 -15.18 13.60 15.70
C ALA A 722 -16.21 13.74 16.83
N ALA A 723 -16.01 14.72 17.70
CA ALA A 723 -16.92 14.94 18.83
C ALA A 723 -17.98 16.00 18.55
N GLN A 724 -18.02 16.51 17.33
CA GLN A 724 -18.97 17.54 16.93
C GLN A 724 -18.99 18.66 17.97
N LEU A 725 -17.81 19.15 18.32
CA LEU A 725 -17.67 20.21 19.31
C LEU A 725 -18.12 21.56 18.78
N PRO A 726 -18.53 22.47 19.70
CA PRO A 726 -18.98 23.80 19.30
C PRO A 726 -18.02 24.55 18.39
N CYS A 727 -16.73 24.41 18.65
CA CYS A 727 -15.70 25.10 17.85
C CYS A 727 -15.45 24.52 16.46
N ARG A 728 -16.03 23.36 16.18
CA ARG A 728 -15.81 22.70 14.89
C ARG A 728 -15.93 23.59 13.64
N ASP A 729 -17.08 24.20 13.44
CA ASP A 729 -17.27 25.02 12.25
C ASP A 729 -16.26 26.17 12.11
N ALA A 730 -15.93 26.82 13.22
CA ALA A 730 -14.97 27.91 13.18
C ALA A 730 -13.59 27.40 12.79
N LEU A 731 -13.14 26.31 13.40
CA LEU A 731 -11.84 25.75 13.08
C LEU A 731 -11.76 25.27 11.63
N MET A 732 -12.81 24.61 11.16
CA MET A 732 -12.81 24.13 9.79
C MET A 732 -12.75 25.28 8.78
N GLN A 733 -13.41 26.39 9.08
CA GLN A 733 -13.40 27.53 8.18
C GLN A 733 -12.04 28.21 8.21
N GLU A 734 -11.43 28.25 9.39
CA GLU A 734 -10.12 28.86 9.56
C GLU A 734 -9.07 28.09 8.76
N TYR A 735 -9.20 26.76 8.76
CA TYR A 735 -8.27 25.89 8.03
C TYR A 735 -8.44 26.14 6.53
N ASP A 736 -9.70 26.20 6.10
CA ASP A 736 -10.02 26.44 4.70
C ASP A 736 -9.42 27.78 4.25
N ASP A 737 -9.69 28.84 4.99
CA ASP A 737 -9.17 30.16 4.64
C ASP A 737 -7.64 30.21 4.56
N LYS A 738 -6.98 29.46 5.42
CA LYS A 738 -5.53 29.45 5.45
C LYS A 738 -4.86 28.54 4.44
N TRP A 739 -5.49 27.42 4.14
CA TRP A 739 -4.89 26.44 3.24
C TRP A 739 -5.57 26.10 1.91
N HIS A 740 -6.67 26.75 1.56
CA HIS A 740 -7.38 26.43 0.33
C HIS A 740 -6.52 26.35 -0.93
N GLN A 741 -5.41 27.10 -0.95
CA GLN A 741 -4.52 27.10 -2.12
C GLN A 741 -3.58 25.90 -2.18
N ASN A 742 -3.55 25.11 -1.11
CA ASN A 742 -2.66 23.95 -1.04
C ASN A 742 -3.46 22.65 -1.08
N GLY A 743 -3.49 22.00 -2.24
CA GLY A 743 -4.23 20.76 -2.39
C GLY A 743 -3.90 19.65 -1.41
N LEU A 744 -2.61 19.36 -1.23
CA LEU A 744 -2.18 18.32 -0.31
C LEU A 744 -2.67 18.58 1.11
N VAL A 745 -2.65 19.84 1.51
CA VAL A 745 -3.10 20.21 2.85
C VAL A 745 -4.62 20.11 2.92
N MET A 746 -5.30 20.53 1.86
CA MET A 746 -6.76 20.47 1.85
C MET A 746 -7.28 19.04 1.81
N ASP A 747 -6.46 18.10 1.37
CA ASP A 747 -6.89 16.70 1.34
C ASP A 747 -7.21 16.21 2.75
N LYS A 748 -6.46 16.70 3.73
CA LYS A 748 -6.70 16.29 5.11
C LYS A 748 -8.08 16.80 5.53
N TRP A 749 -8.40 18.00 5.07
CA TRP A 749 -9.68 18.66 5.36
C TRP A 749 -10.83 17.90 4.69
N PHE A 750 -10.65 17.50 3.43
CA PHE A 750 -11.68 16.76 2.72
C PHE A 750 -11.94 15.42 3.41
N ILE A 751 -10.87 14.78 3.87
CA ILE A 751 -11.00 13.50 4.56
C ILE A 751 -11.84 13.69 5.82
N LEU A 752 -11.61 14.78 6.54
CA LEU A 752 -12.35 15.06 7.75
C LEU A 752 -13.83 15.31 7.45
N GLN A 753 -14.10 16.03 6.37
CA GLN A 753 -15.48 16.32 5.98
C GLN A 753 -16.18 15.02 5.59
N ALA A 754 -15.48 14.19 4.81
CA ALA A 754 -16.02 12.93 4.33
C ALA A 754 -16.26 11.87 5.40
N THR A 755 -15.48 11.90 6.47
CA THR A 755 -15.61 10.92 7.54
C THR A 755 -16.29 11.49 8.79
N SER A 756 -16.93 12.64 8.64
CA SER A 756 -17.62 13.28 9.75
C SER A 756 -18.83 12.49 10.24
N PRO A 757 -19.07 12.50 11.55
CA PRO A 757 -20.21 11.77 12.13
C PRO A 757 -21.50 12.58 12.04
N ALA A 758 -21.39 13.81 11.51
CA ALA A 758 -22.55 14.69 11.37
C ALA A 758 -23.65 14.03 10.53
N ALA A 759 -24.90 14.29 10.89
CA ALA A 759 -26.03 13.71 10.17
C ALA A 759 -26.12 14.14 8.70
N ASN A 760 -25.66 15.34 8.39
CA ASN A 760 -25.73 15.85 7.02
C ASN A 760 -24.43 15.70 6.24
N VAL A 761 -23.62 14.71 6.60
CA VAL A 761 -22.35 14.49 5.93
C VAL A 761 -22.43 14.33 4.41
N LEU A 762 -23.37 13.55 3.90
CA LEU A 762 -23.48 13.37 2.45
C LEU A 762 -23.79 14.69 1.76
N GLU A 763 -24.72 15.46 2.34
CA GLU A 763 -25.07 16.75 1.77
C GLU A 763 -23.82 17.62 1.69
N THR A 764 -23.02 17.58 2.74
CA THR A 764 -21.79 18.37 2.78
C THR A 764 -20.79 17.90 1.73
N VAL A 765 -20.61 16.59 1.64
CA VAL A 765 -19.69 16.03 0.65
C VAL A 765 -20.11 16.40 -0.77
N ARG A 766 -21.39 16.24 -1.09
CA ARG A 766 -21.89 16.59 -2.42
C ARG A 766 -21.58 18.05 -2.73
N GLY A 767 -21.81 18.92 -1.74
CA GLY A 767 -21.56 20.34 -1.93
C GLY A 767 -20.10 20.64 -2.18
N LEU A 768 -19.21 19.90 -1.55
CA LEU A 768 -17.77 20.11 -1.70
C LEU A 768 -17.25 19.77 -3.09
N LEU A 769 -18.09 19.17 -3.94
CA LEU A 769 -17.67 18.86 -5.29
C LEU A 769 -17.48 20.19 -6.02
N GLN A 770 -18.06 21.25 -5.46
CA GLN A 770 -17.97 22.58 -6.04
C GLN A 770 -16.97 23.47 -5.29
N HIS A 771 -16.28 22.88 -4.32
CA HIS A 771 -15.31 23.63 -3.53
C HIS A 771 -14.12 24.08 -4.38
N ARG A 772 -13.63 25.29 -4.11
CA ARG A 772 -12.51 25.88 -4.84
C ARG A 772 -11.27 24.99 -4.85
N SER A 773 -11.10 24.18 -3.82
CA SER A 773 -9.93 23.32 -3.73
C SER A 773 -10.14 21.91 -4.28
N PHE A 774 -11.34 21.61 -4.76
CA PHE A 774 -11.62 20.29 -5.30
C PHE A 774 -11.71 20.27 -6.83
N THR A 775 -11.34 19.15 -7.43
CA THR A 775 -11.42 18.97 -8.87
C THR A 775 -11.43 17.49 -9.23
N MET A 776 -12.36 17.09 -10.10
CA MET A 776 -12.48 15.71 -10.54
C MET A 776 -11.31 15.27 -11.40
N SER A 777 -10.48 16.23 -11.81
CA SER A 777 -9.33 15.91 -12.66
C SER A 777 -8.12 15.45 -11.85
N ASN A 778 -8.20 15.56 -10.52
CA ASN A 778 -7.08 15.18 -9.67
C ASN A 778 -7.37 13.97 -8.77
N PRO A 779 -6.65 12.85 -8.99
CA PRO A 779 -6.82 11.64 -8.20
C PRO A 779 -6.74 11.84 -6.69
N ASN A 780 -5.83 12.69 -6.24
CA ASN A 780 -5.70 12.95 -4.81
C ASN A 780 -6.97 13.57 -4.24
N ARG A 781 -7.52 14.54 -4.96
CA ARG A 781 -8.75 15.20 -4.50
C ARG A 781 -9.89 14.19 -4.48
N ILE A 782 -9.98 13.41 -5.55
CA ILE A 782 -11.03 12.40 -5.67
C ILE A 782 -10.99 11.41 -4.51
N ARG A 783 -9.81 10.88 -4.22
CA ARG A 783 -9.67 9.91 -3.15
C ARG A 783 -9.88 10.49 -1.76
N SER A 784 -9.49 11.75 -1.57
CA SER A 784 -9.63 12.41 -0.27
C SER A 784 -11.06 12.80 0.07
N LEU A 785 -11.89 13.05 -0.95
CA LEU A 785 -13.28 13.42 -0.69
C LEU A 785 -14.23 12.26 -0.93
N ILE A 786 -14.32 11.80 -2.17
CA ILE A 786 -15.21 10.72 -2.54
C ILE A 786 -14.74 9.36 -1.99
N GLY A 787 -13.46 9.06 -2.18
CA GLY A 787 -12.94 7.80 -1.69
C GLY A 787 -13.05 7.66 -0.19
N ALA A 788 -12.74 8.73 0.53
CA ALA A 788 -12.81 8.71 1.99
C ALA A 788 -14.25 8.49 2.47
N PHE A 789 -15.20 9.09 1.77
CA PHE A 789 -16.60 8.93 2.14
C PHE A 789 -17.04 7.48 1.98
N ALA A 790 -16.84 6.94 0.79
CA ALA A 790 -17.24 5.56 0.48
C ALA A 790 -16.48 4.48 1.23
N GLY A 791 -15.18 4.66 1.39
CA GLY A 791 -14.40 3.65 2.07
C GLY A 791 -14.10 3.84 3.55
N SER A 792 -14.05 5.09 4.00
CA SER A 792 -13.73 5.37 5.40
C SER A 792 -14.89 5.82 6.26
N ASN A 793 -16.07 5.97 5.66
CA ASN A 793 -17.25 6.35 6.42
C ASN A 793 -18.35 5.36 6.04
N PRO A 794 -18.13 4.06 6.28
CA PRO A 794 -19.14 3.05 5.94
C PRO A 794 -20.51 3.30 6.57
N ALA A 795 -20.54 3.93 7.73
CA ALA A 795 -21.82 4.20 8.38
C ALA A 795 -22.67 5.12 7.50
N ALA A 796 -22.05 6.13 6.91
CA ALA A 796 -22.76 7.06 6.04
C ALA A 796 -22.92 6.48 4.64
N PHE A 797 -21.86 5.82 4.14
CA PHE A 797 -21.93 5.23 2.83
C PHE A 797 -23.04 4.19 2.78
N HIS A 798 -23.23 3.48 3.89
CA HIS A 798 -24.25 2.46 3.98
C HIS A 798 -25.54 2.95 4.63
N ALA A 799 -25.84 4.24 4.45
CA ALA A 799 -27.07 4.80 5.02
C ALA A 799 -28.22 3.94 4.54
N GLU A 800 -29.16 3.67 5.43
CA GLU A 800 -30.31 2.85 5.12
C GLU A 800 -31.11 3.25 3.88
N ASP A 801 -31.16 4.54 3.57
CA ASP A 801 -31.91 5.00 2.41
C ASP A 801 -31.20 4.75 1.07
N GLY A 802 -29.97 4.26 1.14
CA GLY A 802 -29.22 3.96 -0.07
C GLY A 802 -28.61 5.16 -0.76
N SER A 803 -28.70 6.33 -0.14
CA SER A 803 -28.16 7.55 -0.71
C SER A 803 -26.67 7.47 -0.99
N GLY A 804 -25.94 6.73 -0.13
CA GLY A 804 -24.51 6.60 -0.33
C GLY A 804 -24.17 5.88 -1.62
N TYR A 805 -24.91 4.81 -1.92
CA TYR A 805 -24.66 4.04 -3.13
C TYR A 805 -24.98 4.87 -4.37
N LEU A 806 -26.08 5.62 -4.32
CA LEU A 806 -26.48 6.44 -5.46
C LEU A 806 -25.43 7.50 -5.76
N PHE A 807 -24.87 8.09 -4.71
CA PHE A 807 -23.84 9.11 -4.87
C PHE A 807 -22.62 8.49 -5.55
N LEU A 808 -22.18 7.34 -5.06
CA LEU A 808 -21.00 6.69 -5.64
C LEU A 808 -21.24 6.33 -7.11
N VAL A 809 -22.46 5.88 -7.43
CA VAL A 809 -22.75 5.53 -8.82
C VAL A 809 -22.58 6.76 -9.70
N GLU A 810 -23.04 7.92 -9.22
CA GLU A 810 -22.92 9.16 -9.96
C GLU A 810 -21.44 9.46 -10.24
N MET A 811 -20.63 9.37 -9.19
CA MET A 811 -19.20 9.64 -9.33
C MET A 811 -18.50 8.65 -10.26
N LEU A 812 -18.84 7.38 -10.14
CA LEU A 812 -18.23 6.34 -10.97
C LEU A 812 -18.65 6.42 -12.44
N THR A 813 -19.83 6.97 -12.69
CA THR A 813 -20.31 7.11 -14.06
C THR A 813 -19.38 8.11 -14.77
N ASP A 814 -18.91 9.09 -14.02
CA ASP A 814 -17.99 10.10 -14.56
C ASP A 814 -16.61 9.47 -14.71
N LEU A 815 -16.09 8.96 -13.60
CA LEU A 815 -14.75 8.39 -13.58
C LEU A 815 -14.51 7.18 -14.48
N ASN A 816 -15.55 6.40 -14.75
CA ASN A 816 -15.38 5.24 -15.62
C ASN A 816 -14.81 5.67 -16.97
N SER A 817 -15.23 6.83 -17.45
CA SER A 817 -14.75 7.34 -18.73
C SER A 817 -13.49 8.19 -18.59
N ARG A 818 -13.43 8.95 -17.50
CA ARG A 818 -12.31 9.86 -17.26
C ARG A 818 -11.01 9.19 -16.82
N ASN A 819 -11.09 8.36 -15.78
CA ASN A 819 -9.91 7.71 -15.23
C ASN A 819 -10.32 6.36 -14.62
N PRO A 820 -10.32 5.30 -15.44
CA PRO A 820 -10.70 3.95 -15.00
C PRO A 820 -9.98 3.44 -13.76
N GLN A 821 -8.70 3.74 -13.63
CA GLN A 821 -7.94 3.27 -12.47
C GLN A 821 -8.46 3.86 -11.16
N VAL A 822 -8.72 5.16 -11.14
CA VAL A 822 -9.23 5.77 -9.92
C VAL A 822 -10.66 5.29 -9.69
N ALA A 823 -11.40 5.08 -10.77
CA ALA A 823 -12.77 4.60 -10.66
C ALA A 823 -12.77 3.22 -10.00
N SER A 824 -11.83 2.38 -10.41
CA SER A 824 -11.74 1.03 -9.86
C SER A 824 -11.36 1.04 -8.38
N ARG A 825 -10.55 2.00 -7.95
CA ARG A 825 -10.20 2.06 -6.54
C ARG A 825 -11.45 2.43 -5.75
N LEU A 826 -12.23 3.36 -6.31
CA LEU A 826 -13.43 3.84 -5.66
C LEU A 826 -14.63 2.89 -5.64
N ILE A 827 -14.66 1.90 -6.54
CA ILE A 827 -15.80 0.98 -6.55
C ILE A 827 -15.68 -0.13 -5.50
N GLU A 828 -14.49 -0.31 -4.95
CA GLU A 828 -14.26 -1.37 -3.98
C GLU A 828 -15.32 -1.50 -2.87
N PRO A 829 -15.75 -0.38 -2.27
CA PRO A 829 -16.77 -0.50 -1.21
C PRO A 829 -18.06 -1.23 -1.63
N LEU A 830 -18.45 -1.09 -2.89
CA LEU A 830 -19.67 -1.73 -3.39
C LEU A 830 -19.50 -3.23 -3.62
N ILE A 831 -18.26 -3.64 -3.87
CA ILE A 831 -17.96 -5.05 -4.13
C ILE A 831 -18.12 -5.93 -2.89
N ARG A 832 -18.21 -5.30 -1.72
CA ARG A 832 -18.33 -6.01 -0.44
C ARG A 832 -19.79 -6.26 -0.02
N LEU A 833 -20.72 -6.09 -0.96
CA LEU A 833 -22.14 -6.24 -0.66
C LEU A 833 -22.60 -7.49 0.11
N LYS A 834 -22.02 -8.65 -0.17
CA LYS A 834 -22.45 -9.86 0.53
C LYS A 834 -22.14 -9.87 2.02
N ARG A 835 -21.37 -8.91 2.49
CA ARG A 835 -21.04 -8.81 3.91
C ARG A 835 -22.13 -8.06 4.67
N TYR A 836 -23.11 -7.53 3.94
CA TYR A 836 -24.18 -6.75 4.55
C TYR A 836 -25.56 -7.41 4.54
N ASP A 837 -26.51 -6.82 5.25
CA ASP A 837 -27.86 -7.36 5.33
C ASP A 837 -28.58 -7.36 3.97
N ALA A 838 -29.63 -8.16 3.87
CA ALA A 838 -30.38 -8.31 2.63
C ALA A 838 -30.84 -6.98 2.00
N LYS A 839 -31.39 -6.09 2.81
CA LYS A 839 -31.88 -4.81 2.33
C LYS A 839 -30.75 -4.04 1.64
N ARG A 840 -29.59 -3.99 2.28
CA ARG A 840 -28.45 -3.29 1.71
C ARG A 840 -27.93 -3.98 0.46
N GLN A 841 -27.85 -5.31 0.49
CA GLN A 841 -27.38 -6.06 -0.66
C GLN A 841 -28.21 -5.77 -1.90
N GLU A 842 -29.53 -5.66 -1.71
CA GLU A 842 -30.43 -5.38 -2.82
C GLU A 842 -30.10 -4.04 -3.46
N LYS A 843 -29.87 -3.02 -2.62
CA LYS A 843 -29.55 -1.68 -3.12
C LYS A 843 -28.17 -1.64 -3.76
N MET A 844 -27.22 -2.37 -3.19
CA MET A 844 -25.87 -2.38 -3.74
C MET A 844 -25.84 -3.12 -5.08
N ARG A 845 -26.60 -4.21 -5.17
CA ARG A 845 -26.66 -4.96 -6.42
C ARG A 845 -27.27 -4.08 -7.52
N ALA A 846 -28.30 -3.32 -7.16
CA ALA A 846 -28.95 -2.43 -8.12
C ALA A 846 -27.95 -1.40 -8.63
N ALA A 847 -27.13 -0.88 -7.72
CA ALA A 847 -26.13 0.12 -8.08
C ALA A 847 -25.12 -0.49 -9.05
N LEU A 848 -24.69 -1.71 -8.75
CA LEU A 848 -23.72 -2.39 -9.59
C LEU A 848 -24.32 -2.73 -10.97
N GLU A 849 -25.59 -3.10 -10.99
CA GLU A 849 -26.24 -3.41 -12.26
C GLU A 849 -26.32 -2.16 -13.14
N GLN A 850 -26.50 -1.00 -12.52
CA GLN A 850 -26.57 0.24 -13.27
C GLN A 850 -25.21 0.53 -13.90
N LEU A 851 -24.15 0.32 -13.13
CA LEU A 851 -22.80 0.54 -13.62
C LEU A 851 -22.47 -0.47 -14.72
N LYS A 852 -22.94 -1.71 -14.54
CA LYS A 852 -22.69 -2.76 -15.51
C LYS A 852 -23.24 -2.41 -16.89
N GLY A 853 -24.30 -1.62 -16.93
CA GLY A 853 -24.90 -1.24 -18.21
C GLY A 853 -24.38 0.06 -18.80
N LEU A 854 -23.30 0.59 -18.22
CA LEU A 854 -22.72 1.83 -18.72
C LEU A 854 -22.15 1.69 -20.11
N GLU A 855 -22.36 2.71 -20.93
CA GLU A 855 -21.81 2.71 -22.29
C GLU A 855 -20.31 2.84 -22.09
N ASN A 856 -19.54 2.10 -22.87
CA ASN A 856 -18.08 2.14 -22.77
C ASN A 856 -17.58 1.81 -21.37
N LEU A 857 -18.10 0.72 -20.80
CA LEU A 857 -17.68 0.29 -19.47
C LEU A 857 -16.22 -0.14 -19.54
N SER A 858 -15.38 0.43 -18.67
CA SER A 858 -13.97 0.08 -18.67
C SER A 858 -13.74 -1.35 -18.19
N GLY A 859 -12.66 -1.96 -18.67
CA GLY A 859 -12.34 -3.30 -18.25
C GLY A 859 -12.05 -3.33 -16.77
N ASP A 860 -11.48 -2.23 -16.26
CA ASP A 860 -11.15 -2.11 -14.84
C ASP A 860 -12.39 -2.36 -13.99
N LEU A 861 -13.48 -1.68 -14.31
CA LEU A 861 -14.71 -1.84 -13.55
C LEU A 861 -15.44 -3.15 -13.90
N TYR A 862 -15.40 -3.53 -15.17
CA TYR A 862 -16.06 -4.75 -15.62
C TYR A 862 -15.62 -5.96 -14.80
N GLU A 863 -14.30 -6.09 -14.60
CA GLU A 863 -13.76 -7.22 -13.85
C GLU A 863 -14.32 -7.31 -12.43
N LYS A 864 -14.39 -6.17 -11.75
CA LYS A 864 -14.90 -6.16 -10.38
C LYS A 864 -16.42 -6.31 -10.30
N ILE A 865 -17.12 -5.63 -11.20
CA ILE A 865 -18.59 -5.70 -11.22
C ILE A 865 -19.05 -7.13 -11.46
N THR A 866 -18.41 -7.79 -12.43
CA THR A 866 -18.75 -9.17 -12.76
C THR A 866 -18.63 -10.08 -11.55
N LYS A 867 -17.53 -9.99 -10.84
CA LYS A 867 -17.32 -10.82 -9.66
C LYS A 867 -18.28 -10.47 -8.52
N ALA A 868 -18.57 -9.18 -8.36
CA ALA A 868 -19.48 -8.75 -7.30
C ALA A 868 -20.92 -9.19 -7.52
N LEU A 869 -21.32 -9.30 -8.78
CA LEU A 869 -22.69 -9.69 -9.12
C LEU A 869 -22.88 -11.19 -9.31
N ALA A 870 -21.80 -11.95 -9.23
CA ALA A 870 -21.86 -13.40 -9.40
C ALA A 870 -22.55 -14.06 -8.21
ZN ZN B . 6.49 -1.21 -5.25
S SO4 C . 1.29 27.26 0.62
O1 SO4 C . 1.57 27.40 -0.82
O2 SO4 C . 1.13 28.60 1.22
O3 SO4 C . 2.41 26.55 1.28
O4 SO4 C . 0.04 26.48 0.80
S SO4 D . 24.05 -22.16 -8.10
O1 SO4 D . 23.26 -21.02 -8.60
O2 SO4 D . 25.28 -21.65 -7.44
O3 SO4 D . 24.43 -23.04 -9.22
O4 SO4 D . 23.27 -22.93 -7.12
N2 BES E . 5.47 -0.24 -8.75
C1 BES E . 4.54 0.54 -7.92
C6 BES E . 3.86 1.63 -8.77
C7 BES E . 2.52 1.19 -9.31
C8 BES E . 1.37 1.18 -8.48
C12 BES E . 2.39 0.81 -10.67
C9 BES E . 0.11 0.77 -9.01
C11 BES E . 1.15 0.41 -11.20
C10 BES E . 0.00 0.40 -10.36
C2 BES E . 5.28 1.21 -6.74
O2 BES E . 6.54 0.60 -6.52
C3 BES E . 4.42 1.11 -5.50
O3 BES E . 4.17 0.01 -5.04
N1 BES E . 3.87 2.24 -5.00
C4 BES E . 2.88 2.26 -3.90
C13 BES E . 3.48 2.84 -2.59
C14 BES E . 4.58 1.94 -2.01
C15 BES E . 5.17 2.62 -0.78
C16 BES E . 3.98 0.60 -1.57
C5 BES E . 1.76 3.15 -4.38
O1 BES E . 1.96 3.92 -5.48
O4 BES E . 0.70 3.17 -3.81
#